data_8EFQ
#
_entry.id   8EFQ
#
_cell.length_a   1.00
_cell.length_b   1.00
_cell.length_c   1.00
_cell.angle_alpha   90.00
_cell.angle_beta   90.00
_cell.angle_gamma   90.00
#
_symmetry.space_group_name_H-M   'P 1'
#
loop_
_entity.id
_entity.type
_entity.pdbx_description
1 polymer 'Guanine nucleotide-binding protein G(i) subunit alpha-1'
2 polymer 'Guanine nucleotide-binding protein G(I)/G(S)/G(T) subunit beta-1'
3 polymer 'Guanine nucleotide-binding protein G(I)/G(S)/G(O) subunit gamma-2'
4 polymer DAMGO
5 polymer 'Mu-type opioid receptor'
6 non-polymer ETHANOLAMINE
#
loop_
_entity_poly.entity_id
_entity_poly.type
_entity_poly.pdbx_seq_one_letter_code
_entity_poly.pdbx_strand_id
1 'polypeptide(L)'
;MGCTLSAEDKAAVERSKMIDRNLREDGEKAAREVKLLLLGAGESGKSTIVKQMKIIHEAGYSEEECKQYKAVVYSNTIQS
IIAIIRAMGRLKIDFGDSARADDARQLFVLAGAAEEGFMTAELAGVIKRLWKDSGVQACFNRSREYQLNDSAAYYLNDLD
RIAQPNYIPTQQDVLRTRVKTTGIVETHFTFKDLHFKMFDVGAQRSERKKWIHCFEGVTAIIFCVALSDYDLVLAEDEEM
NRMHESMKLFDSICNNKWFTDTSIILFLNKKDLFEEKIKKSPLTICYPEYAGSNTYEEAAAYIQCQFEDLNKRKDTKEIY
THFTCSTDTKNVQFVFDAVTDVIIKNNLKDCGLF
;
A
2 'polypeptide(L)'
;MHHHHHHHHGSLLQSELDQLRQEAEQLKNQIRDARKACADATLSQITNNIDPVGRIQMRTRRTLRGHLAKIYAMHWGTDS
RLLVSASQDGKLIIWDSYTTNKVHAIPLRSSWVMTCAYAPSGNYVACGGLDNICSIYNLKTREGNVRVSRELAGHTGYLS
CCRFLDDNQIVTSSGDTTCALWDIETGQQTTTFTGHTGDVMSLSLAPDTRLFVSGACDASAKLWDVREGMCRQTFTGHES
DINAICFFPNGNAFATGSDDATCRLFDLRADQELMTYSHDNIICGITSVSFSKSGRLLLAGYDDFNCNVWDALKADRAGV
LAGHDNRVSCLGVTDDGMAVATGSWDSFLKIWN
;
B
3 'polypeptide(L)' MASNNTASIAQARKLVEQLKMEANIDRIKVSKAAADLMAYCEAHAKEDPLLTPVPASENPFREKKFFC G
4 'polypeptide(L)' Y(DAL)G(MEA) P
5 'polypeptide(L)'
;DSSAAPTNASNCTDALAYSSCSPAPSPGSWVNLSHLDGNLSDPCGPNRTDLGGRDSLCPPTGSPSMITAITIMALYSIVC
VVGLFGNFLVMYVIVRYTKMKTATNIYIFNLALADALATSTLPFQSVNYLMGTWPFGTILCKIVISIDYYNMFTSIFTLC
TMSVDRYIAVCHPVKALDFRTPRNAKIINVCNWILSSAIGLPVMFMATTKYRQGSIDCTLTFSHPTWYWENLLKICVFIF
AFIMPVLIITVCYGLMILRLKSVRMLSGSKEKDRNLRRITRMVLVVVAVFIVCWTPIHIYVIIKALVTIPETTFQTVSWH
FCIALGYTNSCLNPVLYAFLDENFKRCFREFCIPTSSNIEQQNSTRI
;
R
#
# COMPACT_ATOMS: atom_id res chain seq x y z
N LEU A 5 -18.06 23.56 -21.26
CA LEU A 5 -17.46 22.62 -22.21
C LEU A 5 -16.77 23.36 -23.34
N SER A 6 -15.74 24.14 -22.99
CA SER A 6 -14.97 24.89 -23.97
C SER A 6 -14.03 23.96 -24.74
N ALA A 7 -13.43 24.52 -25.79
CA ALA A 7 -12.51 23.74 -26.63
C ALA A 7 -11.20 23.44 -25.91
N GLU A 8 -10.70 24.41 -25.12
CA GLU A 8 -9.44 24.21 -24.43
C GLU A 8 -9.59 23.20 -23.28
N ASP A 9 -10.73 23.24 -22.59
CA ASP A 9 -10.97 22.32 -21.49
C ASP A 9 -11.12 20.88 -21.98
N LYS A 10 -11.72 20.69 -23.15
CA LYS A 10 -11.85 19.35 -23.71
C LYS A 10 -10.49 18.79 -24.13
N ALA A 11 -9.60 19.66 -24.64
CA ALA A 11 -8.25 19.23 -24.94
C ALA A 11 -7.45 18.92 -23.67
N ALA A 12 -7.72 19.66 -22.59
CA ALA A 12 -7.06 19.36 -21.32
C ALA A 12 -7.55 18.03 -20.75
N VAL A 13 -8.84 17.73 -20.90
CA VAL A 13 -9.37 16.44 -20.45
C VAL A 13 -8.82 15.30 -21.30
N GLU A 14 -8.68 15.51 -22.61
CA GLU A 14 -8.10 14.49 -23.48
C GLU A 14 -6.62 14.24 -23.16
N ARG A 15 -5.89 15.31 -22.84
CA ARG A 15 -4.51 15.17 -22.41
C ARG A 15 -4.41 14.45 -21.07
N SER A 16 -5.35 14.73 -20.16
CA SER A 16 -5.35 14.07 -18.86
C SER A 16 -5.68 12.58 -18.99
N LYS A 17 -6.57 12.22 -19.93
CA LYS A 17 -6.86 10.81 -20.16
C LYS A 17 -5.69 10.09 -20.82
N MET A 18 -4.97 10.77 -21.72
CA MET A 18 -3.79 10.16 -22.32
C MET A 18 -2.68 9.96 -21.29
N ILE A 19 -2.54 10.93 -20.37
CA ILE A 19 -1.59 10.78 -19.27
C ILE A 19 -2.00 9.65 -18.33
N ASP A 20 -3.31 9.52 -18.06
CA ASP A 20 -3.81 8.42 -17.22
C ASP A 20 -3.57 7.06 -17.88
N ARG A 21 -3.66 7.00 -19.21
CA ARG A 21 -3.36 5.76 -19.92
C ARG A 21 -1.89 5.40 -19.81
N ASN A 22 -1.00 6.40 -19.91
CA ASN A 22 0.42 6.13 -19.70
C ASN A 22 0.73 5.75 -18.25
N LEU A 23 0.03 6.36 -17.29
CA LEU A 23 0.23 6.01 -15.88
C LEU A 23 -0.19 4.58 -15.58
N ARG A 24 -1.33 4.14 -16.11
CA ARG A 24 -1.74 2.76 -15.84
C ARG A 24 -0.91 1.75 -16.61
N GLU A 25 -0.42 2.11 -17.81
CA GLU A 25 0.48 1.22 -18.53
C GLU A 25 1.82 1.07 -17.80
N ASP A 26 2.37 2.16 -17.30
CA ASP A 26 3.62 2.09 -16.56
C ASP A 26 3.44 1.42 -15.20
N GLY A 27 2.26 1.58 -14.59
CA GLY A 27 2.01 0.94 -13.31
C GLY A 27 1.84 -0.57 -13.44
N GLU A 28 1.15 -1.02 -14.50
CA GLU A 28 1.04 -2.46 -14.72
C GLU A 28 2.37 -3.06 -15.18
N LYS A 29 3.21 -2.27 -15.86
CA LYS A 29 4.56 -2.75 -16.18
C LYS A 29 5.42 -2.86 -14.92
N ALA A 30 5.31 -1.88 -14.01
CA ALA A 30 6.08 -1.89 -12.78
C ALA A 30 5.59 -2.91 -11.77
N ALA A 31 4.32 -3.33 -11.86
CA ALA A 31 3.75 -4.23 -10.86
C ALA A 31 4.34 -5.64 -10.94
N ARG A 32 4.67 -6.10 -12.15
CA ARG A 32 5.19 -7.46 -12.29
C ARG A 32 6.65 -7.61 -11.88
N GLU A 33 7.42 -6.52 -11.87
CA GLU A 33 8.81 -6.60 -11.49
C GLU A 33 8.96 -6.83 -9.99
N VAL A 34 9.88 -7.72 -9.62
CA VAL A 34 10.09 -8.12 -8.24
C VAL A 34 11.28 -7.35 -7.68
N LYS A 35 11.07 -6.66 -6.57
CA LYS A 35 12.10 -5.85 -5.92
C LYS A 35 12.70 -6.60 -4.73
N LEU A 36 14.03 -6.61 -4.64
CA LEU A 36 14.73 -7.25 -3.53
C LEU A 36 15.70 -6.26 -2.92
N LEU A 37 15.69 -6.17 -1.59
CA LEU A 37 16.60 -5.30 -0.84
C LEU A 37 17.74 -6.13 -0.27
N LEU A 38 18.97 -5.73 -0.56
CA LEU A 38 20.15 -6.46 -0.10
C LEU A 38 20.81 -5.66 1.03
N LEU A 39 21.12 -6.35 2.12
CA LEU A 39 21.71 -5.74 3.31
C LEU A 39 22.85 -6.61 3.81
N GLY A 40 23.49 -6.16 4.88
CA GLY A 40 24.60 -6.88 5.47
C GLY A 40 25.58 -5.90 6.09
N ALA A 41 26.63 -6.47 6.67
CA ALA A 41 27.64 -5.69 7.35
C ALA A 41 28.65 -5.11 6.37
N GLY A 42 29.50 -4.24 6.89
CA GLY A 42 30.54 -3.63 6.06
C GLY A 42 31.62 -4.64 5.70
N GLU A 43 31.94 -4.72 4.41
CA GLU A 43 32.93 -5.63 3.83
C GLU A 43 32.62 -7.11 4.12
N SER A 44 31.34 -7.44 4.23
CA SER A 44 30.92 -8.82 4.46
C SER A 44 31.10 -9.70 3.23
N GLY A 45 31.17 -9.12 2.05
CA GLY A 45 31.23 -9.86 0.80
C GLY A 45 30.00 -9.75 -0.09
N LYS A 46 29.22 -8.68 0.04
CA LYS A 46 28.04 -8.48 -0.81
C LYS A 46 28.42 -8.24 -2.26
N SER A 47 29.59 -7.61 -2.50
CA SER A 47 30.03 -7.33 -3.87
C SER A 47 30.33 -8.62 -4.63
N THR A 48 30.71 -9.68 -3.92
CA THR A 48 30.94 -10.98 -4.55
C THR A 48 29.64 -11.55 -5.11
N ILE A 49 28.57 -11.50 -4.31
CA ILE A 49 27.24 -11.94 -4.75
C ILE A 49 26.74 -11.10 -5.92
N VAL A 50 26.96 -9.78 -5.85
CA VAL A 50 26.55 -8.87 -6.92
C VAL A 50 27.30 -9.19 -8.22
N LYS A 51 28.61 -9.45 -8.13
CA LYS A 51 29.38 -9.81 -9.32
C LYS A 51 28.99 -11.19 -9.86
N GLN A 52 28.65 -12.13 -8.98
CA GLN A 52 28.20 -13.45 -9.43
C GLN A 52 26.88 -13.38 -10.18
N MET A 53 25.92 -12.60 -9.68
CA MET A 53 24.66 -12.51 -10.39
C MET A 53 24.78 -11.65 -11.64
N LYS A 54 23.88 -11.91 -12.59
CA LYS A 54 23.87 -11.22 -13.88
C LYS A 54 23.50 -9.75 -13.71
N ILE A 55 24.01 -8.91 -14.60
CA ILE A 55 23.72 -7.48 -14.58
C ILE A 55 22.98 -7.08 -15.85
N THR A 182 26.69 8.36 -5.41
CA THR A 182 25.43 7.66 -5.62
C THR A 182 25.11 6.73 -4.45
N GLY A 183 23.97 6.98 -3.81
CA GLY A 183 23.54 6.17 -2.68
C GLY A 183 23.19 4.74 -3.04
N ILE A 184 22.18 4.57 -3.91
CA ILE A 184 21.70 3.25 -4.30
C ILE A 184 22.09 3.01 -5.75
N VAL A 185 22.78 1.90 -5.99
CA VAL A 185 23.00 1.38 -7.33
C VAL A 185 22.01 0.24 -7.58
N GLU A 186 21.25 0.34 -8.67
CA GLU A 186 20.13 -0.55 -8.93
C GLU A 186 20.56 -1.60 -9.94
N THR A 187 20.35 -2.88 -9.61
CA THR A 187 20.71 -3.97 -10.52
C THR A 187 19.43 -4.59 -11.07
N HIS A 188 19.26 -4.52 -12.39
CA HIS A 188 18.09 -5.07 -13.05
C HIS A 188 18.52 -6.28 -13.87
N PHE A 189 17.97 -7.45 -13.53
CA PHE A 189 18.33 -8.66 -14.26
C PHE A 189 17.16 -9.61 -14.33
N THR A 190 17.17 -10.48 -15.33
CA THR A 190 16.08 -11.43 -15.52
C THR A 190 16.56 -12.85 -15.37
N PHE A 191 15.67 -13.72 -14.92
CA PHE A 191 15.95 -15.15 -14.78
C PHE A 191 14.63 -15.90 -14.88
N LYS A 192 14.50 -16.73 -15.93
CA LYS A 192 13.30 -17.52 -16.22
C LYS A 192 12.05 -16.63 -16.34
N ASP A 193 12.18 -15.57 -17.15
CA ASP A 193 11.12 -14.60 -17.44
C ASP A 193 10.57 -13.91 -16.19
N LEU A 194 11.43 -13.66 -15.20
CA LEU A 194 11.05 -12.94 -14.00
C LEU A 194 12.10 -11.87 -13.72
N HIS A 195 11.68 -10.62 -13.72
CA HIS A 195 12.60 -9.49 -13.59
C HIS A 195 12.82 -9.13 -12.12
N PHE A 196 14.09 -8.99 -11.75
CA PHE A 196 14.51 -8.64 -10.41
C PHE A 196 15.19 -7.27 -10.43
N LYS A 197 14.78 -6.40 -9.51
CA LYS A 197 15.44 -5.13 -9.25
C LYS A 197 16.03 -5.23 -7.85
N MET A 198 17.36 -5.20 -7.77
CA MET A 198 18.10 -5.42 -6.54
C MET A 198 18.71 -4.10 -6.08
N PHE A 199 18.42 -3.75 -4.83
CA PHE A 199 18.84 -2.48 -4.24
C PHE A 199 19.80 -2.80 -3.09
N ASP A 200 21.09 -2.57 -3.31
CA ASP A 200 22.09 -2.69 -2.24
C ASP A 200 22.44 -1.29 -1.73
N VAL A 201 22.10 -1.02 -0.47
CA VAL A 201 22.19 0.31 0.13
C VAL A 201 23.33 0.38 1.15
N GLY A 202 24.18 -0.65 1.20
CA GLY A 202 25.25 -0.71 2.19
C GLY A 202 26.37 0.31 1.99
N ALA A 203 26.46 0.90 0.80
CA ALA A 203 27.48 1.92 0.56
C ALA A 203 27.17 3.20 1.32
N GLN A 204 25.89 3.51 1.53
CA GLN A 204 25.50 4.71 2.25
C GLN A 204 25.75 4.56 3.74
N ARG A 205 26.37 5.58 4.33
CA ARG A 205 26.67 5.60 5.77
C ARG A 205 25.70 6.59 6.42
N SER A 206 24.61 6.07 6.97
CA SER A 206 23.59 6.88 7.63
C SER A 206 22.81 5.97 8.57
N GLU A 207 21.99 6.58 9.42
CA GLU A 207 21.13 5.82 10.30
C GLU A 207 20.01 5.16 9.51
N ARG A 208 19.83 3.85 9.72
CA ARG A 208 19.00 3.05 8.83
C ARG A 208 17.51 3.29 9.06
N LYS A 209 17.09 3.45 10.32
CA LYS A 209 15.68 3.32 10.69
C LYS A 209 14.81 4.45 10.16
N LYS A 210 15.39 5.61 9.86
CA LYS A 210 14.59 6.77 9.51
C LYS A 210 14.10 6.73 8.07
N TRP A 211 14.86 6.12 7.16
CA TRP A 211 14.46 5.96 5.77
C TRP A 211 14.08 4.52 5.41
N ILE A 212 14.11 3.59 6.37
CA ILE A 212 13.89 2.18 6.07
C ILE A 212 12.42 1.91 5.71
N HIS A 213 11.50 2.80 6.11
CA HIS A 213 10.11 2.68 5.72
C HIS A 213 9.89 2.97 4.24
N CYS A 214 10.91 3.48 3.53
CA CYS A 214 10.85 3.53 2.08
C CYS A 214 10.82 2.14 1.47
N PHE A 215 11.47 1.17 2.11
CA PHE A 215 11.57 -0.20 1.58
C PHE A 215 10.49 -1.13 2.11
N GLU A 216 9.36 -0.62 2.58
CA GLU A 216 8.25 -1.50 2.95
C GLU A 216 7.59 -2.06 1.68
N GLY A 217 6.97 -3.22 1.83
CA GLY A 217 6.37 -3.88 0.70
C GLY A 217 7.35 -4.61 -0.20
N VAL A 218 8.62 -4.67 0.17
CA VAL A 218 9.63 -5.35 -0.63
C VAL A 218 9.40 -6.86 -0.54
N THR A 219 9.78 -7.57 -1.60
CA THR A 219 9.53 -9.01 -1.67
C THR A 219 10.44 -9.77 -0.71
N ALA A 220 11.75 -9.52 -0.77
CA ALA A 220 12.68 -10.23 0.09
C ALA A 220 13.88 -9.35 0.40
N ILE A 221 14.54 -9.70 1.51
CA ILE A 221 15.78 -9.04 1.92
C ILE A 221 16.90 -10.08 1.88
N ILE A 222 17.86 -9.89 0.99
CA ILE A 222 19.04 -10.75 0.92
C ILE A 222 20.08 -10.18 1.87
N PHE A 223 20.36 -10.91 2.95
CA PHE A 223 21.22 -10.43 4.03
C PHE A 223 22.51 -11.22 3.99
N CYS A 224 23.64 -10.53 3.86
CA CYS A 224 24.94 -11.15 3.70
C CYS A 224 25.73 -11.06 5.01
N VAL A 225 26.27 -12.19 5.45
CA VAL A 225 27.03 -12.28 6.69
C VAL A 225 28.36 -12.93 6.40
N ALA A 226 29.46 -12.27 6.77
CA ALA A 226 30.80 -12.84 6.63
C ALA A 226 30.99 -13.88 7.71
N LEU A 227 30.86 -15.16 7.34
CA LEU A 227 30.90 -16.24 8.31
C LEU A 227 32.31 -16.52 8.83
N SER A 228 33.34 -16.25 8.01
CA SER A 228 34.72 -16.49 8.42
C SER A 228 35.32 -15.32 9.19
N ASP A 229 34.50 -14.36 9.61
CA ASP A 229 34.97 -13.12 10.24
C ASP A 229 34.88 -13.20 11.77
N TYR A 230 34.83 -14.41 12.32
CA TYR A 230 34.54 -14.58 13.74
C TYR A 230 35.75 -14.23 14.62
N ASP A 231 36.95 -14.62 14.20
CA ASP A 231 38.12 -14.48 15.05
C ASP A 231 38.79 -13.10 14.95
N LEU A 232 38.40 -12.27 13.99
CA LEU A 232 39.01 -10.96 13.83
C LEU A 232 38.42 -9.99 14.85
N VAL A 233 39.28 -9.46 15.72
CA VAL A 233 38.84 -8.51 16.73
C VAL A 233 39.40 -7.12 16.42
N ASN A 241 34.45 -11.19 16.40
CA ASN A 241 33.90 -10.00 17.05
C ASN A 241 32.87 -9.34 16.12
N ARG A 242 33.21 -9.30 14.83
CA ARG A 242 32.31 -8.74 13.81
C ARG A 242 30.98 -9.50 13.74
N MET A 243 31.01 -10.81 14.03
CA MET A 243 29.80 -11.63 14.09
C MET A 243 28.77 -11.09 15.08
N HIS A 244 29.21 -10.44 16.16
CA HIS A 244 28.25 -10.01 17.18
C HIS A 244 27.47 -8.77 16.74
N GLU A 245 28.13 -7.78 16.13
CA GLU A 245 27.36 -6.69 15.55
C GLU A 245 26.63 -7.11 14.28
N SER A 246 27.11 -8.15 13.59
CA SER A 246 26.32 -8.71 12.48
C SER A 246 25.03 -9.34 12.99
N MET A 247 25.08 -10.00 14.15
CA MET A 247 23.87 -10.53 14.78
C MET A 247 22.97 -9.40 15.28
N LYS A 248 23.56 -8.32 15.78
CA LYS A 248 22.77 -7.16 16.19
C LYS A 248 22.08 -6.51 15.00
N LEU A 249 22.76 -6.45 13.85
CA LEU A 249 22.15 -5.94 12.62
C LEU A 249 21.04 -6.85 12.12
N PHE A 250 21.24 -8.17 12.23
CA PHE A 250 20.21 -9.12 11.85
C PHE A 250 19.01 -9.05 12.78
N ASP A 251 19.23 -8.79 14.07
CA ASP A 251 18.12 -8.60 15.00
C ASP A 251 17.40 -7.29 14.73
N SER A 252 18.12 -6.26 14.30
CA SER A 252 17.48 -4.99 13.98
C SER A 252 16.64 -5.09 12.71
N ILE A 253 17.12 -5.83 11.71
CA ILE A 253 16.39 -5.94 10.45
C ILE A 253 15.23 -6.93 10.57
N CYS A 254 15.48 -8.11 11.17
CA CYS A 254 14.49 -9.17 11.17
C CYS A 254 13.32 -8.86 12.10
N ASN A 255 13.58 -8.26 13.26
CA ASN A 255 12.55 -7.91 14.21
C ASN A 255 12.00 -6.50 13.99
N ASN A 256 12.29 -5.88 12.85
CA ASN A 256 11.80 -4.55 12.57
C ASN A 256 10.29 -4.56 12.34
N LYS A 257 9.64 -3.47 12.73
CA LYS A 257 8.19 -3.37 12.61
C LYS A 257 7.73 -3.25 11.16
N TRP A 258 8.60 -2.75 10.27
CA TRP A 258 8.24 -2.59 8.88
C TRP A 258 8.36 -3.89 8.09
N PHE A 259 9.14 -4.86 8.59
CA PHE A 259 9.39 -6.09 7.84
C PHE A 259 8.85 -7.31 8.56
N THR A 260 7.62 -7.22 9.07
CA THR A 260 7.04 -8.33 9.81
C THR A 260 6.64 -9.48 8.87
N ASP A 261 6.27 -9.20 7.63
CA ASP A 261 5.82 -10.23 6.71
C ASP A 261 6.75 -10.44 5.52
N THR A 262 7.86 -9.72 5.43
CA THR A 262 8.77 -9.86 4.30
C THR A 262 9.84 -10.88 4.62
N SER A 263 10.02 -11.85 3.73
CA SER A 263 10.99 -12.91 3.94
C SER A 263 12.43 -12.39 3.81
N ILE A 264 13.32 -13.02 4.57
CA ILE A 264 14.74 -12.68 4.56
C ILE A 264 15.54 -13.90 4.13
N ILE A 265 16.31 -13.74 3.07
CA ILE A 265 17.18 -14.78 2.51
C ILE A 265 18.57 -14.53 3.05
N LEU A 266 19.04 -15.36 3.96
CA LEU A 266 20.34 -15.18 4.58
C LEU A 266 21.39 -15.96 3.81
N PHE A 267 22.50 -15.30 3.46
CA PHE A 267 23.60 -15.91 2.73
C PHE A 267 24.85 -15.92 3.60
N LEU A 268 25.50 -17.10 3.66
CA LEU A 268 26.74 -17.29 4.38
C LEU A 268 27.86 -17.53 3.37
N ASN A 269 28.73 -16.54 3.20
CA ASN A 269 29.79 -16.59 2.21
C ASN A 269 31.13 -16.91 2.89
N LYS A 270 32.21 -16.84 2.09
CA LYS A 270 33.59 -17.10 2.52
C LYS A 270 33.75 -18.51 3.08
N LYS A 271 33.17 -19.49 2.36
CA LYS A 271 33.16 -20.87 2.81
C LYS A 271 34.54 -21.51 2.77
N ASP A 272 35.36 -21.16 1.75
CA ASP A 272 36.62 -21.85 1.50
C ASP A 272 37.66 -21.58 2.60
N LEU A 273 37.75 -20.34 3.07
CA LEU A 273 38.71 -19.99 4.11
C LEU A 273 38.31 -20.56 5.48
N PHE A 274 37.02 -20.87 5.67
CA PHE A 274 36.50 -21.12 7.01
C PHE A 274 37.03 -22.42 7.61
N GLU A 275 37.15 -23.49 6.81
CA GLU A 275 37.71 -24.73 7.38
C GLU A 275 39.19 -24.58 7.70
N GLU A 276 39.92 -23.77 6.92
CA GLU A 276 41.31 -23.47 7.24
C GLU A 276 41.43 -22.56 8.46
N LYS A 277 40.37 -21.84 8.81
CA LYS A 277 40.36 -21.03 10.02
C LYS A 277 39.68 -21.72 11.20
N ILE A 278 39.13 -22.92 10.99
CA ILE A 278 38.57 -23.73 12.07
C ILE A 278 39.60 -24.77 12.50
N LYS A 279 40.41 -25.23 11.55
CA LYS A 279 41.46 -26.19 11.88
C LYS A 279 42.54 -25.57 12.76
N LYS A 280 42.88 -24.30 12.51
CA LYS A 280 43.89 -23.62 13.33
C LYS A 280 43.30 -22.91 14.54
N SER A 281 42.08 -22.39 14.45
CA SER A 281 41.48 -21.61 15.53
C SER A 281 40.10 -22.16 15.87
N PRO A 282 39.81 -22.43 17.14
CA PRO A 282 38.49 -22.96 17.50
C PRO A 282 37.41 -21.89 17.43
N LEU A 283 36.17 -22.37 17.37
CA LEU A 283 34.99 -21.49 17.37
C LEU A 283 34.57 -21.07 18.77
N THR A 284 35.20 -21.63 19.81
CA THR A 284 34.86 -21.33 21.20
C THR A 284 35.17 -19.90 21.61
N ILE A 285 36.03 -19.20 20.85
CA ILE A 285 36.39 -17.83 21.19
C ILE A 285 35.20 -16.89 20.99
N CYS A 286 34.45 -17.08 19.90
CA CYS A 286 33.31 -16.21 19.62
C CYS A 286 32.11 -16.58 20.48
N TYR A 287 31.83 -17.87 20.64
CA TYR A 287 30.73 -18.34 21.47
C TYR A 287 31.26 -19.29 22.52
N PRO A 288 31.15 -18.97 23.82
CA PRO A 288 31.63 -19.92 24.85
C PRO A 288 30.71 -21.11 25.04
N GLU A 289 29.44 -21.01 24.65
CA GLU A 289 28.48 -22.09 24.81
C GLU A 289 28.65 -23.21 23.79
N TYR A 290 29.52 -23.05 22.80
CA TYR A 290 29.71 -24.06 21.76
C TYR A 290 30.49 -25.25 22.31
N ALA A 291 29.84 -26.42 22.33
CA ALA A 291 30.48 -27.66 22.75
C ALA A 291 30.32 -28.66 21.60
N GLY A 292 31.42 -28.94 20.90
CA GLY A 292 31.38 -29.87 19.78
C GLY A 292 32.73 -29.99 19.13
N SER A 293 32.87 -31.03 18.32
CA SER A 293 34.10 -31.28 17.61
C SER A 293 34.33 -30.22 16.52
N ASN A 294 35.61 -29.91 16.28
CA ASN A 294 35.97 -28.86 15.34
C ASN A 294 35.90 -29.42 13.93
N THR A 295 34.78 -29.20 13.25
CA THR A 295 34.60 -29.61 11.87
C THR A 295 33.61 -28.66 11.21
N TYR A 296 33.74 -28.53 9.88
CA TYR A 296 32.86 -27.61 9.14
C TYR A 296 31.41 -28.07 9.17
N GLU A 297 31.17 -29.39 9.12
CA GLU A 297 29.83 -29.94 8.93
C GLU A 297 28.91 -29.63 10.12
N GLU A 298 29.44 -29.62 11.33
CA GLU A 298 28.61 -29.34 12.49
C GLU A 298 28.62 -27.85 12.85
N ALA A 299 29.77 -27.18 12.68
CA ALA A 299 29.86 -25.76 13.00
C ALA A 299 29.03 -24.91 12.05
N ALA A 300 28.96 -25.30 10.77
CA ALA A 300 28.15 -24.57 9.81
C ALA A 300 26.66 -24.66 10.15
N ALA A 301 26.18 -25.86 10.50
CA ALA A 301 24.80 -26.02 10.96
C ALA A 301 24.56 -25.29 12.28
N TYR A 302 25.59 -25.19 13.13
CA TYR A 302 25.43 -24.46 14.40
C TYR A 302 25.28 -22.97 14.15
N ILE A 303 26.09 -22.40 13.26
CA ILE A 303 25.96 -20.98 12.89
C ILE A 303 24.62 -20.74 12.19
N GLN A 304 24.18 -21.69 11.37
CA GLN A 304 22.88 -21.60 10.71
C GLN A 304 21.74 -21.58 11.72
N CYS A 305 21.82 -22.41 12.76
CA CYS A 305 20.76 -22.43 13.77
C CYS A 305 20.82 -21.21 14.67
N GLN A 306 22.02 -20.69 14.95
CA GLN A 306 22.15 -19.48 15.76
C GLN A 306 21.62 -18.26 15.03
N PHE A 307 21.78 -18.19 13.71
CA PHE A 307 21.11 -17.11 12.99
C PHE A 307 19.62 -17.36 12.83
N GLU A 308 19.20 -18.62 12.67
CA GLU A 308 17.81 -18.89 12.34
C GLU A 308 16.88 -18.73 13.55
N ASP A 309 17.35 -19.04 14.76
CA ASP A 309 16.47 -18.93 15.92
C ASP A 309 16.33 -17.51 16.47
N LEU A 310 17.00 -16.52 15.87
CA LEU A 310 16.92 -15.15 16.37
C LEU A 310 15.57 -14.48 16.12
N ASN A 311 14.79 -14.97 15.15
CA ASN A 311 13.51 -14.35 14.85
C ASN A 311 12.50 -14.54 15.98
N LYS A 312 11.68 -13.52 16.19
CA LYS A 312 10.63 -13.56 17.21
C LYS A 312 9.27 -13.93 16.63
N ARG A 313 9.16 -14.01 15.31
CA ARG A 313 7.93 -14.43 14.62
C ARG A 313 8.29 -15.61 13.73
N LYS A 314 8.26 -16.81 14.31
CA LYS A 314 8.64 -18.03 13.61
C LYS A 314 7.54 -18.59 12.73
N ASP A 315 6.37 -17.95 12.68
CA ASP A 315 5.23 -18.43 11.93
C ASP A 315 4.92 -17.61 10.68
N THR A 316 5.28 -16.33 10.66
CA THR A 316 4.90 -15.44 9.57
C THR A 316 6.03 -15.21 8.57
N LYS A 317 7.25 -14.95 9.05
CA LYS A 317 8.39 -14.72 8.18
C LYS A 317 9.44 -15.81 8.40
N GLU A 318 9.75 -16.54 7.34
CA GLU A 318 10.75 -17.60 7.39
C GLU A 318 12.13 -17.07 7.01
N ILE A 319 13.16 -17.73 7.50
CA ILE A 319 14.55 -17.36 7.26
C ILE A 319 15.16 -18.44 6.38
N TYR A 320 15.61 -18.04 5.18
CA TYR A 320 16.15 -18.97 4.19
C TYR A 320 17.66 -18.84 4.17
N THR A 321 18.34 -19.90 4.61
CA THR A 321 19.80 -19.90 4.75
C THR A 321 20.42 -20.74 3.65
N HIS A 322 21.35 -20.16 2.90
CA HIS A 322 22.06 -20.86 1.84
C HIS A 322 23.54 -20.50 1.90
N PHE A 323 24.40 -21.51 1.85
CA PHE A 323 25.84 -21.30 1.79
C PHE A 323 26.23 -21.03 0.35
N THR A 324 26.60 -19.79 0.05
CA THR A 324 26.97 -19.41 -1.30
C THR A 324 28.29 -20.07 -1.70
N CYS A 325 28.27 -20.76 -2.84
CA CYS A 325 29.44 -21.43 -3.38
C CYS A 325 29.55 -21.09 -4.87
N SER A 326 30.73 -21.32 -5.44
CA SER A 326 30.98 -20.99 -6.84
C SER A 326 30.48 -22.11 -7.77
N THR A 327 29.16 -22.30 -7.75
CA THR A 327 28.48 -23.28 -8.59
C THR A 327 27.92 -22.50 -9.79
N ASP A 328 27.34 -23.21 -10.76
CA ASP A 328 26.80 -22.58 -11.97
C ASP A 328 25.41 -22.01 -11.64
N THR A 329 25.44 -20.81 -11.04
CA THR A 329 24.26 -19.99 -10.70
C THR A 329 23.28 -20.72 -9.77
N LYS A 330 23.83 -21.45 -8.80
CA LYS A 330 23.00 -22.09 -7.78
C LYS A 330 22.36 -21.04 -6.87
N ASN A 331 23.12 -19.96 -6.57
CA ASN A 331 22.62 -18.80 -5.82
C ASN A 331 21.34 -18.22 -6.44
N VAL A 332 21.42 -17.86 -7.74
CA VAL A 332 20.28 -17.34 -8.49
C VAL A 332 19.10 -18.30 -8.46
N GLN A 333 19.39 -19.61 -8.52
CA GLN A 333 18.33 -20.63 -8.45
C GLN A 333 17.63 -20.61 -7.09
N PHE A 334 18.40 -20.56 -5.99
CA PHE A 334 17.82 -20.48 -4.65
C PHE A 334 17.01 -19.20 -4.47
N VAL A 335 17.50 -18.08 -5.01
CA VAL A 335 16.77 -16.82 -4.93
C VAL A 335 15.46 -16.91 -5.72
N PHE A 336 15.50 -17.56 -6.89
CA PHE A 336 14.30 -17.74 -7.70
C PHE A 336 13.28 -18.64 -7.00
N ASP A 337 13.76 -19.67 -6.29
CA ASP A 337 12.85 -20.54 -5.55
C ASP A 337 12.21 -19.81 -4.36
N ALA A 338 12.99 -18.96 -3.68
CA ALA A 338 12.45 -18.21 -2.56
C ALA A 338 11.45 -17.15 -3.01
N VAL A 339 11.76 -16.46 -4.11
CA VAL A 339 10.84 -15.48 -4.68
C VAL A 339 9.58 -16.17 -5.19
N THR A 340 9.72 -17.38 -5.74
CA THR A 340 8.57 -18.16 -6.18
C THR A 340 7.67 -18.53 -5.00
N ASP A 341 8.27 -18.90 -3.86
CA ASP A 341 7.48 -19.19 -2.67
C ASP A 341 6.78 -17.95 -2.12
N VAL A 342 7.43 -16.78 -2.21
CA VAL A 342 6.78 -15.54 -1.75
C VAL A 342 5.64 -15.16 -2.68
N ILE A 343 5.80 -15.36 -3.99
CA ILE A 343 4.72 -15.10 -4.95
C ILE A 343 3.56 -16.07 -4.74
N ILE A 344 3.86 -17.33 -4.37
CA ILE A 344 2.80 -18.29 -4.04
C ILE A 344 2.02 -17.84 -2.80
N LYS A 345 2.74 -17.38 -1.75
CA LYS A 345 2.08 -16.89 -0.55
C LYS A 345 1.24 -15.64 -0.83
N ASN A 346 1.75 -14.74 -1.68
CA ASN A 346 1.00 -13.54 -2.05
C ASN A 346 -0.24 -13.87 -2.86
N ASN A 347 -0.14 -14.84 -3.78
CA ASN A 347 -1.30 -15.25 -4.56
C ASN A 347 -2.34 -15.95 -3.69
N LEU A 348 -1.89 -16.72 -2.69
CA LEU A 348 -2.81 -17.34 -1.74
C LEU A 348 -3.52 -16.29 -0.90
N LYS A 349 -2.80 -15.24 -0.50
CA LYS A 349 -3.45 -14.13 0.22
C LYS A 349 -4.42 -13.37 -0.67
N ASP A 350 -4.09 -13.25 -1.97
CA ASP A 350 -4.98 -12.57 -2.91
C ASP A 350 -6.27 -13.35 -3.14
N CYS A 351 -6.15 -14.68 -3.34
CA CYS A 351 -7.32 -15.51 -3.56
C CYS A 351 -8.18 -15.64 -2.31
N GLY A 352 -7.57 -15.61 -1.12
CA GLY A 352 -8.30 -15.77 0.12
C GLY A 352 -8.18 -17.14 0.76
N LEU A 353 -7.46 -18.07 0.14
CA LEU A 353 -7.23 -19.38 0.76
C LEU A 353 -6.40 -19.25 2.03
N PHE A 354 -5.29 -18.53 1.98
CA PHE A 354 -4.42 -18.35 3.13
C PHE A 354 -4.95 -17.24 4.04
N ASP B 18 41.01 20.23 29.05
CA ASP B 18 39.77 20.16 29.81
C ASP B 18 39.32 21.58 30.15
N GLN B 19 40.25 22.52 30.03
CA GLN B 19 39.93 23.93 30.28
C GLN B 19 39.01 24.47 29.20
N LEU B 20 39.24 24.09 27.94
CA LEU B 20 38.40 24.54 26.84
C LEU B 20 36.99 23.94 26.93
N ARG B 21 36.89 22.67 27.32
CA ARG B 21 35.59 22.04 27.52
C ARG B 21 34.85 22.67 28.71
N GLN B 22 35.59 23.03 29.77
CA GLN B 22 34.98 23.74 30.89
C GLN B 22 34.51 25.14 30.47
N GLU B 23 35.25 25.79 29.58
CA GLU B 23 34.83 27.09 29.05
C GLU B 23 33.55 26.95 28.21
N ALA B 24 33.46 25.88 27.40
CA ALA B 24 32.24 25.62 26.64
C ALA B 24 31.06 25.35 27.57
N GLU B 25 31.30 24.58 28.64
CA GLU B 25 30.24 24.26 29.60
C GLU B 25 29.76 25.50 30.34
N GLN B 26 30.68 26.38 30.77
CA GLN B 26 30.26 27.58 31.47
C GLN B 26 29.58 28.58 30.53
N LEU B 27 29.99 28.66 29.26
CA LEU B 27 29.26 29.50 28.30
C LEU B 27 27.85 28.98 28.04
N LYS B 28 27.70 27.65 27.93
CA LYS B 28 26.37 27.06 27.77
C LYS B 28 25.49 27.31 28.99
N ASN B 29 26.08 27.17 30.19
CA ASN B 29 25.35 27.45 31.43
C ASN B 29 24.96 28.92 31.52
N GLN B 30 25.84 29.82 31.07
CA GLN B 30 25.56 31.26 31.09
C GLN B 30 24.41 31.62 30.16
N ILE B 31 24.42 31.11 28.93
CA ILE B 31 23.36 31.45 28.00
C ILE B 31 22.04 30.80 28.41
N ARG B 32 22.10 29.58 29.00
CA ARG B 32 20.88 28.94 29.50
C ARG B 32 20.29 29.71 30.68
N ASP B 33 21.14 30.16 31.62
CA ASP B 33 20.68 30.95 32.74
C ASP B 33 20.12 32.30 32.29
N ALA B 34 20.72 32.91 31.26
CA ALA B 34 20.22 34.18 30.75
C ALA B 34 18.86 34.02 30.09
N ARG B 35 18.69 32.99 29.25
CA ARG B 35 17.39 32.79 28.60
C ARG B 35 16.31 32.36 29.60
N LYS B 36 16.68 31.63 30.66
CA LYS B 36 15.70 31.28 31.69
C LYS B 36 15.29 32.49 32.51
N ALA B 37 16.27 33.19 33.10
CA ALA B 37 15.97 34.26 34.05
C ALA B 37 15.39 35.49 33.36
N CYS B 38 15.88 35.84 32.17
CA CYS B 38 15.41 37.07 31.52
C CYS B 38 13.99 36.93 30.99
N ALA B 39 13.66 35.79 30.39
CA ALA B 39 12.37 35.58 29.74
C ALA B 39 11.42 34.84 30.68
N ASP B 40 10.29 35.46 31.01
CA ASP B 40 9.22 34.86 31.80
C ASP B 40 7.90 35.02 31.04
N ALA B 41 7.51 33.98 30.31
CA ALA B 41 6.41 34.08 29.35
C ALA B 41 5.04 34.22 30.00
N THR B 42 4.58 33.17 30.69
CA THR B 42 3.22 33.05 31.25
C THR B 42 2.15 33.36 30.20
N LEU B 43 2.34 32.81 28.99
CA LEU B 43 1.52 33.15 27.84
C LEU B 43 0.08 32.66 27.99
N SER B 44 -0.12 31.57 28.72
CA SER B 44 -1.47 31.03 28.91
C SER B 44 -2.37 31.98 29.69
N GLN B 45 -1.80 32.75 30.62
CA GLN B 45 -2.58 33.77 31.32
C GLN B 45 -2.92 34.96 30.41
N ILE B 46 -2.06 35.23 29.42
CA ILE B 46 -2.28 36.39 28.56
C ILE B 46 -3.27 36.07 27.44
N THR B 47 -3.21 34.86 26.89
CA THR B 47 -3.96 34.50 25.70
C THR B 47 -5.40 34.14 25.97
N ASN B 48 -5.84 34.14 27.23
CA ASN B 48 -7.23 33.80 27.56
C ASN B 48 -8.24 34.82 27.05
N ASN B 49 -7.80 36.06 26.81
CA ASN B 49 -8.73 37.13 26.42
C ASN B 49 -9.35 36.89 25.05
N ILE B 50 -8.56 36.42 24.08
CA ILE B 50 -9.09 36.16 22.75
C ILE B 50 -9.98 34.93 22.78
N ASP B 51 -11.06 34.95 21.99
CA ASP B 51 -12.02 33.87 22.00
C ASP B 51 -11.47 32.64 21.27
N PRO B 52 -11.86 31.44 21.69
CA PRO B 52 -11.46 30.24 20.94
C PRO B 52 -12.23 30.10 19.64
N VAL B 53 -11.58 29.48 18.66
CA VAL B 53 -12.22 29.23 17.38
C VAL B 53 -13.33 28.19 17.51
N GLY B 54 -13.25 27.31 18.48
CA GLY B 54 -14.29 26.30 18.70
C GLY B 54 -13.97 25.01 17.96
N ARG B 55 -14.89 24.59 17.10
CA ARG B 55 -14.72 23.40 16.27
C ARG B 55 -14.93 23.79 14.82
N ILE B 56 -14.02 23.35 13.95
CA ILE B 56 -14.05 23.69 12.53
C ILE B 56 -14.18 22.40 11.73
N GLN B 57 -15.20 22.34 10.88
CA GLN B 57 -15.46 21.17 10.04
C GLN B 57 -14.98 21.47 8.64
N MET B 58 -14.07 20.63 8.13
CA MET B 58 -13.50 20.79 6.80
C MET B 58 -13.89 19.59 5.95
N ARG B 59 -14.56 19.84 4.83
CA ARG B 59 -15.01 18.79 3.94
C ARG B 59 -14.08 18.68 2.73
N THR B 60 -13.92 17.45 2.25
CA THR B 60 -13.19 17.22 1.01
C THR B 60 -13.97 17.78 -0.19
N ARG B 61 -13.24 18.45 -1.07
CA ARG B 61 -13.80 18.98 -2.30
C ARG B 61 -13.40 18.20 -3.53
N ARG B 62 -12.12 17.82 -3.64
CA ARG B 62 -11.65 16.94 -4.69
C ARG B 62 -10.85 15.81 -4.10
N THR B 63 -10.89 14.66 -4.76
CA THR B 63 -10.04 13.52 -4.44
C THR B 63 -9.23 13.18 -5.69
N LEU B 64 -7.91 13.26 -5.58
CA LEU B 64 -7.04 13.11 -6.73
C LEU B 64 -6.53 11.67 -6.76
N ARG B 65 -6.77 10.99 -7.89
CA ARG B 65 -6.49 9.55 -8.02
C ARG B 65 -5.71 9.35 -9.33
N GLY B 66 -4.41 9.56 -9.29
CA GLY B 66 -3.56 9.28 -10.43
C GLY B 66 -2.38 8.40 -10.08
N HIS B 67 -1.95 8.47 -8.83
CA HIS B 67 -0.82 7.70 -8.36
C HIS B 67 -1.21 6.25 -8.13
N LEU B 68 -0.24 5.35 -8.29
CA LEU B 68 -0.43 3.94 -8.04
C LEU B 68 0.46 3.43 -6.91
N ALA B 69 0.97 4.33 -6.08
CA ALA B 69 1.87 3.98 -4.99
C ALA B 69 1.82 5.11 -3.96
N LYS B 70 2.47 4.86 -2.83
CA LYS B 70 2.46 5.79 -1.71
C LYS B 70 3.23 7.07 -2.03
N ILE B 71 2.54 8.20 -2.01
CA ILE B 71 3.18 9.47 -2.30
C ILE B 71 3.95 9.94 -1.07
N TYR B 72 5.10 10.59 -1.29
CA TYR B 72 5.87 11.07 -0.16
C TYR B 72 5.95 12.58 -0.02
N ALA B 73 5.78 13.34 -1.09
CA ALA B 73 5.93 14.79 -0.99
C ALA B 73 4.95 15.50 -1.91
N MET B 74 4.42 16.61 -1.43
CA MET B 74 3.55 17.48 -2.22
C MET B 74 3.95 18.92 -1.93
N HIS B 75 3.77 19.78 -2.92
CA HIS B 75 4.06 21.20 -2.75
C HIS B 75 3.17 22.01 -3.67
N TRP B 76 2.60 23.08 -3.13
CA TRP B 76 1.73 23.99 -3.87
C TRP B 76 2.56 24.96 -4.72
N GLY B 77 1.88 25.94 -5.31
CA GLY B 77 2.54 26.95 -6.12
C GLY B 77 2.18 28.36 -5.66
N THR B 78 2.80 29.34 -6.33
CA THR B 78 2.58 30.74 -5.97
C THR B 78 1.25 31.25 -6.50
N ASP B 79 0.75 30.68 -7.60
CA ASP B 79 -0.57 31.03 -8.12
C ASP B 79 -1.67 30.18 -7.49
N SER B 80 -1.30 29.21 -6.64
CA SER B 80 -2.20 28.31 -5.91
C SER B 80 -3.07 27.46 -6.83
N ARG B 81 -2.65 27.28 -8.08
CA ARG B 81 -3.42 26.56 -9.09
C ARG B 81 -2.89 25.15 -9.32
N LEU B 82 -1.59 25.02 -9.58
CA LEU B 82 -0.95 23.74 -9.83
C LEU B 82 -0.28 23.22 -8.57
N LEU B 83 -0.17 21.89 -8.47
CA LEU B 83 0.55 21.27 -7.36
C LEU B 83 1.33 20.07 -7.85
N VAL B 84 2.53 19.86 -7.32
CA VAL B 84 3.34 18.72 -7.72
C VAL B 84 3.25 17.66 -6.63
N SER B 85 3.30 16.39 -7.04
CA SER B 85 3.30 15.30 -6.06
C SER B 85 4.05 14.10 -6.63
N ALA B 86 4.87 13.48 -5.81
CA ALA B 86 5.69 12.35 -6.24
C ALA B 86 5.36 11.09 -5.46
N SER B 87 5.41 9.96 -6.16
CA SER B 87 5.13 8.70 -5.50
C SER B 87 6.31 7.74 -5.66
N GLN B 88 6.19 6.56 -5.03
CA GLN B 88 7.26 5.58 -5.00
C GLN B 88 7.34 4.71 -6.23
N ASP B 89 6.48 4.94 -7.22
CA ASP B 89 6.60 4.25 -8.49
C ASP B 89 7.63 4.90 -9.39
N GLY B 90 7.95 6.17 -9.14
CA GLY B 90 8.91 6.89 -9.93
C GLY B 90 8.35 8.04 -10.74
N LYS B 91 7.24 8.65 -10.30
CA LYS B 91 6.61 9.71 -11.09
C LYS B 91 6.18 10.91 -10.27
N LEU B 92 6.57 12.08 -10.80
CA LEU B 92 6.08 13.41 -10.41
C LEU B 92 4.84 13.73 -11.24
N ILE B 93 3.66 13.71 -10.64
CA ILE B 93 2.44 14.14 -11.32
C ILE B 93 2.09 15.56 -10.89
N ILE B 94 1.90 16.45 -11.87
CA ILE B 94 1.43 17.80 -11.61
C ILE B 94 -0.10 17.79 -11.72
N TRP B 95 -0.77 18.19 -10.65
CA TRP B 95 -2.22 18.23 -10.59
C TRP B 95 -2.71 19.67 -10.72
N ASP B 96 -3.99 19.79 -11.05
CA ASP B 96 -4.74 21.03 -11.01
C ASP B 96 -5.75 20.91 -9.89
N SER B 97 -5.84 21.95 -9.06
CA SER B 97 -6.62 21.87 -7.83
C SER B 97 -8.12 21.92 -8.07
N TYR B 98 -8.57 22.49 -9.19
CA TYR B 98 -9.99 22.70 -9.41
C TYR B 98 -10.59 21.72 -10.43
N THR B 99 -9.92 21.48 -11.54
CA THR B 99 -10.49 20.73 -12.65
C THR B 99 -9.97 19.30 -12.75
N THR B 100 -9.10 18.87 -11.84
CA THR B 100 -8.57 17.52 -11.65
C THR B 100 -7.65 17.08 -12.81
N ASN B 101 -7.44 17.92 -13.82
CA ASN B 101 -6.65 17.54 -14.98
C ASN B 101 -5.18 17.50 -14.65
N LYS B 102 -4.48 16.55 -15.28
CA LYS B 102 -3.04 16.42 -15.14
C LYS B 102 -2.33 17.19 -16.24
N VAL B 103 -1.53 18.18 -15.85
CA VAL B 103 -0.82 18.99 -16.84
C VAL B 103 0.41 18.25 -17.33
N HIS B 104 1.32 17.87 -16.42
CA HIS B 104 2.47 17.05 -16.78
C HIS B 104 2.60 15.84 -15.87
N ALA B 105 3.19 14.79 -16.44
CA ALA B 105 3.66 13.62 -15.70
C ALA B 105 5.12 13.42 -16.06
N ILE B 106 5.98 13.34 -15.05
CA ILE B 106 7.42 13.21 -15.26
C ILE B 106 7.87 11.87 -14.70
N PRO B 107 8.49 11.01 -15.50
CA PRO B 107 9.03 9.75 -14.96
C PRO B 107 10.45 9.93 -14.46
N LEU B 108 10.70 9.48 -13.24
CA LEU B 108 11.95 9.74 -12.54
C LEU B 108 12.89 8.57 -12.71
N ARG B 109 14.14 8.87 -13.10
CA ARG B 109 15.18 7.85 -13.13
C ARG B 109 15.47 7.33 -11.73
N SER B 110 15.60 8.24 -10.76
CA SER B 110 15.75 7.88 -9.35
C SER B 110 14.36 7.70 -8.78
N SER B 111 13.91 6.43 -8.71
CA SER B 111 12.55 6.13 -8.28
C SER B 111 12.33 6.44 -6.80
N TRP B 112 13.38 6.33 -5.99
CA TRP B 112 13.25 6.57 -4.55
C TRP B 112 13.29 8.07 -4.30
N VAL B 113 12.15 8.65 -3.97
CA VAL B 113 11.96 10.10 -3.90
C VAL B 113 11.48 10.45 -2.50
N MET B 114 12.12 11.45 -1.88
CA MET B 114 11.78 11.84 -0.52
C MET B 114 11.36 13.30 -0.39
N THR B 115 11.42 14.08 -1.47
CA THR B 115 11.11 15.50 -1.38
C THR B 115 10.60 16.02 -2.71
N CYS B 116 9.99 17.20 -2.65
CA CYS B 116 9.51 17.92 -3.84
C CYS B 116 9.63 19.40 -3.59
N ALA B 117 10.06 20.13 -4.61
CA ALA B 117 10.09 21.59 -4.59
C ALA B 117 9.40 22.13 -5.83
N TYR B 118 8.67 23.22 -5.65
CA TYR B 118 8.06 23.95 -6.76
C TYR B 118 8.62 25.37 -6.76
N ALA B 119 9.02 25.83 -7.94
CA ALA B 119 9.65 27.14 -8.05
C ALA B 119 8.64 28.26 -7.82
N PRO B 120 9.08 29.40 -7.30
CA PRO B 120 8.14 30.54 -7.18
C PRO B 120 7.69 31.10 -8.52
N SER B 121 8.57 31.08 -9.53
CA SER B 121 8.15 31.46 -10.87
C SER B 121 7.26 30.39 -11.52
N GLY B 122 7.40 29.14 -11.09
CA GLY B 122 6.67 28.04 -11.67
C GLY B 122 7.37 27.34 -12.82
N ASN B 123 8.59 27.72 -13.15
CA ASN B 123 9.28 27.15 -14.30
C ASN B 123 9.94 25.81 -13.99
N TYR B 124 10.44 25.63 -12.77
CA TYR B 124 11.27 24.47 -12.44
C TYR B 124 10.67 23.67 -11.31
N VAL B 125 11.02 22.39 -11.27
CA VAL B 125 10.70 21.51 -10.15
C VAL B 125 11.93 20.70 -9.76
N ALA B 126 12.20 20.61 -8.45
CA ALA B 126 13.27 19.78 -7.93
C ALA B 126 12.71 18.45 -7.45
N CYS B 127 13.54 17.41 -7.51
CA CYS B 127 13.12 16.08 -7.13
C CYS B 127 14.33 15.23 -6.75
N GLY B 128 14.05 14.09 -6.12
CA GLY B 128 15.08 13.15 -5.74
C GLY B 128 15.07 12.88 -4.23
N GLY B 129 16.24 12.55 -3.71
CA GLY B 129 16.42 12.49 -2.28
C GLY B 129 17.14 11.30 -1.68
N LEU B 130 16.88 10.08 -2.15
CA LEU B 130 17.59 8.92 -1.61
C LEU B 130 18.76 8.48 -2.47
N ASP B 131 18.78 8.83 -3.75
CA ASP B 131 19.84 8.45 -4.67
C ASP B 131 20.98 9.48 -4.69
N ASN B 132 20.92 10.48 -3.80
CA ASN B 132 21.90 11.57 -3.67
C ASN B 132 22.01 12.44 -4.93
N ILE B 133 20.98 12.43 -5.77
CA ILE B 133 20.95 13.22 -7.00
C ILE B 133 19.72 14.11 -6.95
N CYS B 134 19.91 15.40 -7.15
CA CYS B 134 18.81 16.37 -7.21
C CYS B 134 18.54 16.66 -8.68
N SER B 135 17.36 16.28 -9.15
CA SER B 135 17.00 16.48 -10.54
C SER B 135 16.09 17.70 -10.62
N ILE B 136 16.48 18.69 -11.43
CA ILE B 136 15.69 19.89 -11.64
C ILE B 136 15.18 19.85 -13.07
N TYR B 137 13.86 19.88 -13.21
CA TYR B 137 13.15 19.72 -14.46
C TYR B 137 12.52 21.06 -14.83
N ASN B 138 12.77 21.51 -16.05
CA ASN B 138 12.14 22.72 -16.57
C ASN B 138 10.77 22.37 -17.13
N LEU B 139 9.76 23.17 -16.78
CA LEU B 139 8.39 22.90 -17.18
C LEU B 139 7.93 23.76 -18.35
N LYS B 140 8.05 25.08 -18.23
CA LYS B 140 7.56 26.00 -19.26
C LYS B 140 8.66 26.19 -20.30
N THR B 141 8.77 25.19 -21.18
CA THR B 141 9.76 25.20 -22.24
C THR B 141 9.10 24.78 -23.56
N ARG B 142 9.74 25.18 -24.65
CA ARG B 142 9.26 24.87 -26.00
C ARG B 142 9.72 23.46 -26.40
N GLU B 143 9.59 23.16 -27.69
CA GLU B 143 9.99 21.90 -28.32
C GLU B 143 9.27 20.68 -27.73
N GLY B 144 8.03 20.87 -27.30
CA GLY B 144 7.22 19.74 -26.87
C GLY B 144 7.15 19.50 -25.38
N ASN B 145 7.60 18.33 -24.94
CA ASN B 145 7.46 17.91 -23.56
C ASN B 145 8.61 18.43 -22.70
N VAL B 146 8.54 18.13 -21.40
CA VAL B 146 9.55 18.61 -20.45
C VAL B 146 10.83 17.78 -20.58
N ARG B 147 11.91 18.35 -20.08
CA ARG B 147 13.21 17.70 -20.10
C ARG B 147 13.97 18.14 -18.85
N VAL B 148 14.90 17.29 -18.39
CA VAL B 148 15.65 17.60 -17.18
C VAL B 148 16.64 18.71 -17.46
N SER B 149 16.58 19.75 -16.62
CA SER B 149 17.46 20.91 -16.78
C SER B 149 18.80 20.72 -16.10
N ARG B 150 18.79 20.31 -14.83
CA ARG B 150 20.02 20.24 -14.05
C ARG B 150 20.11 18.96 -13.22
N GLU B 151 21.33 18.42 -13.15
CA GLU B 151 21.63 17.20 -12.40
C GLU B 151 22.62 17.58 -11.29
N LEU B 152 22.12 17.83 -10.08
CA LEU B 152 22.93 18.26 -8.95
C LEU B 152 23.41 17.06 -8.13
N ALA B 153 24.69 17.09 -7.75
CA ALA B 153 25.30 16.03 -6.96
C ALA B 153 26.30 16.64 -5.98
N GLY B 154 26.86 15.81 -5.12
CA GLY B 154 27.88 16.26 -4.18
C GLY B 154 27.63 16.00 -2.71
N HIS B 155 26.58 15.26 -2.38
CA HIS B 155 26.38 14.76 -1.02
C HIS B 155 26.74 13.27 -0.95
N THR B 156 26.75 12.76 0.29
CA THR B 156 27.05 11.35 0.53
C THR B 156 26.02 10.64 1.41
N GLY B 157 25.04 11.36 1.97
CA GLY B 157 24.03 10.73 2.80
C GLY B 157 22.73 10.50 2.05
N TYR B 158 21.75 11.36 2.29
CA TYR B 158 20.49 11.33 1.55
C TYR B 158 19.83 12.69 1.69
N LEU B 159 19.39 13.25 0.55
CA LEU B 159 18.69 14.53 0.57
C LEU B 159 17.32 14.35 1.22
N SER B 160 16.98 15.22 2.16
CA SER B 160 15.71 15.10 2.88
C SER B 160 14.69 16.15 2.48
N CYS B 161 15.12 17.32 2.02
CA CYS B 161 14.21 18.36 1.60
C CYS B 161 14.93 19.30 0.65
N CYS B 162 14.16 19.91 -0.26
CA CYS B 162 14.69 20.83 -1.24
C CYS B 162 13.75 22.02 -1.34
N ARG B 163 14.32 23.22 -1.40
CA ARG B 163 13.55 24.46 -1.41
C ARG B 163 14.21 25.45 -2.36
N PHE B 164 13.42 26.01 -3.27
CA PHE B 164 13.91 27.05 -4.18
C PHE B 164 13.87 28.40 -3.48
N LEU B 165 15.04 29.01 -3.26
CA LEU B 165 15.08 30.42 -2.88
C LEU B 165 14.64 31.30 -4.04
N ASP B 166 15.20 31.05 -5.21
CA ASP B 166 14.96 31.83 -6.42
C ASP B 166 15.03 30.88 -7.61
N ASP B 167 14.89 31.44 -8.81
CA ASP B 167 15.12 30.67 -10.03
C ASP B 167 16.59 30.35 -10.26
N ASN B 168 17.51 30.98 -9.53
CA ASN B 168 18.94 30.77 -9.70
C ASN B 168 19.63 30.16 -8.49
N GLN B 169 18.97 30.09 -7.34
CA GLN B 169 19.57 29.54 -6.13
C GLN B 169 18.65 28.50 -5.53
N ILE B 170 19.24 27.43 -4.97
CA ILE B 170 18.46 26.37 -4.32
C ILE B 170 19.21 25.91 -3.07
N VAL B 171 18.49 25.78 -1.96
CA VAL B 171 19.04 25.27 -0.71
C VAL B 171 18.50 23.88 -0.44
N THR B 172 19.40 22.94 -0.16
CA THR B 172 19.04 21.57 0.17
C THR B 172 19.60 21.18 1.52
N SER B 173 18.89 20.28 2.20
CA SER B 173 19.34 19.64 3.42
C SER B 173 19.58 18.16 3.14
N SER B 174 20.70 17.62 3.64
CA SER B 174 21.08 16.26 3.30
C SER B 174 21.43 15.45 4.55
N GLY B 175 21.38 14.14 4.42
CA GLY B 175 21.62 13.20 5.49
C GLY B 175 23.07 12.90 5.80
N ASP B 176 24.00 13.66 5.25
CA ASP B 176 25.40 13.59 5.64
C ASP B 176 25.84 14.78 6.50
N THR B 177 24.92 15.26 7.36
CA THR B 177 25.12 16.35 8.32
C THR B 177 25.41 17.69 7.62
N THR B 178 24.98 17.83 6.37
CA THR B 178 25.27 19.03 5.58
C THR B 178 24.00 19.68 5.07
N CYS B 179 24.09 21.00 4.90
CA CYS B 179 23.17 21.77 4.07
C CYS B 179 23.99 22.45 2.98
N ALA B 180 23.34 22.78 1.87
CA ALA B 180 24.12 23.31 0.74
C ALA B 180 23.27 24.27 -0.09
N LEU B 181 23.95 25.26 -0.66
CA LEU B 181 23.33 26.22 -1.56
C LEU B 181 23.98 26.09 -2.93
N TRP B 182 23.17 25.83 -3.95
CA TRP B 182 23.63 25.70 -5.33
C TRP B 182 23.14 26.85 -6.18
N ASP B 183 24.03 27.36 -7.03
CA ASP B 183 23.70 28.22 -8.16
C ASP B 183 23.40 27.34 -9.36
N ILE B 184 22.27 27.59 -10.01
CA ILE B 184 21.76 26.71 -11.07
C ILE B 184 22.70 26.72 -12.28
N GLU B 185 23.14 27.91 -12.69
CA GLU B 185 24.00 28.02 -13.87
C GLU B 185 25.39 27.44 -13.62
N THR B 186 25.97 27.72 -12.44
CA THR B 186 27.30 27.20 -12.14
C THR B 186 27.29 25.69 -11.96
N GLY B 187 26.33 25.17 -11.19
CA GLY B 187 26.20 23.75 -10.98
C GLY B 187 27.03 23.18 -9.86
N GLN B 188 27.82 24.01 -9.17
CA GLN B 188 28.64 23.58 -8.05
C GLN B 188 28.13 24.24 -6.77
N GLN B 189 28.66 23.79 -5.64
CA GLN B 189 28.20 24.27 -4.35
C GLN B 189 28.78 25.65 -4.08
N THR B 190 27.92 26.58 -3.68
CA THR B 190 28.36 27.93 -3.36
C THR B 190 28.73 28.03 -1.88
N THR B 191 27.79 27.75 -0.99
CA THR B 191 28.03 27.77 0.45
C THR B 191 27.49 26.50 1.07
N THR B 192 28.32 25.84 1.86
CA THR B 192 27.95 24.60 2.56
C THR B 192 27.88 24.86 4.05
N PHE B 193 26.79 24.43 4.68
CA PHE B 193 26.55 24.62 6.10
C PHE B 193 26.82 23.31 6.83
N THR B 194 27.72 23.35 7.81
CA THR B 194 28.12 22.19 8.63
C THR B 194 28.22 22.69 10.06
N GLY B 195 27.13 22.55 10.81
CA GLY B 195 27.12 22.95 12.21
C GLY B 195 26.34 22.00 13.09
N HIS B 196 25.87 20.91 12.51
CA HIS B 196 25.11 19.89 13.21
C HIS B 196 26.02 18.75 13.66
N THR B 197 25.44 17.84 14.45
CA THR B 197 26.13 16.62 14.85
C THR B 197 25.23 15.42 14.49
N GLY B 198 24.14 15.67 13.78
CA GLY B 198 23.22 14.62 13.37
C GLY B 198 22.61 14.96 12.03
N ASP B 199 21.84 14.02 11.50
CA ASP B 199 21.20 14.21 10.21
C ASP B 199 20.07 15.22 10.32
N VAL B 200 19.97 16.10 9.34
CA VAL B 200 18.85 17.03 9.28
C VAL B 200 17.72 16.38 8.50
N MET B 201 16.48 16.69 8.89
CA MET B 201 15.32 16.01 8.34
C MET B 201 14.34 16.91 7.61
N SER B 202 14.22 18.19 7.97
CA SER B 202 13.25 19.07 7.36
C SER B 202 13.88 20.41 7.02
N LEU B 203 13.20 21.15 6.15
CA LEU B 203 13.68 22.44 5.67
C LEU B 203 12.49 23.30 5.28
N SER B 204 12.53 24.57 5.69
CA SER B 204 11.48 25.52 5.35
C SER B 204 12.10 26.90 5.19
N LEU B 205 11.57 27.68 4.25
CA LEU B 205 12.09 29.01 3.99
C LEU B 205 11.19 30.09 4.59
N ALA B 206 11.80 31.23 4.89
CA ALA B 206 11.06 32.40 5.32
C ALA B 206 10.33 33.01 4.12
N PRO B 207 9.27 33.80 4.36
CA PRO B 207 8.58 34.45 3.23
C PRO B 207 9.44 35.45 2.47
N ASP B 208 10.26 36.22 3.16
CA ASP B 208 11.23 37.09 2.48
C ASP B 208 12.44 36.33 1.94
N THR B 209 12.61 35.06 2.35
CA THR B 209 13.66 34.14 1.88
C THR B 209 15.07 34.63 2.23
N ARG B 210 15.19 35.40 3.32
CA ARG B 210 16.50 35.89 3.73
C ARG B 210 17.29 34.83 4.47
N LEU B 211 16.66 34.15 5.43
CA LEU B 211 17.31 33.13 6.24
C LEU B 211 16.31 32.01 6.51
N PHE B 212 16.83 30.86 6.97
CA PHE B 212 16.00 29.69 7.21
C PHE B 212 16.46 29.02 8.50
N VAL B 213 15.71 27.99 8.90
CA VAL B 213 16.08 27.15 10.03
C VAL B 213 16.08 25.69 9.58
N SER B 214 17.01 24.91 10.10
CA SER B 214 17.15 23.48 9.75
C SER B 214 17.05 22.66 11.03
N GLY B 215 16.18 21.65 11.01
CA GLY B 215 16.00 20.76 12.15
C GLY B 215 16.74 19.44 11.94
N ALA B 216 17.39 18.98 13.01
CA ALA B 216 18.27 17.82 12.94
C ALA B 216 17.75 16.69 13.83
N CYS B 217 18.49 15.59 13.83
CA CYS B 217 18.17 14.42 14.64
C CYS B 217 18.80 14.46 16.02
N ASP B 218 19.39 15.60 16.40
CA ASP B 218 19.90 15.82 17.75
C ASP B 218 18.92 16.63 18.59
N ALA B 219 17.64 16.64 18.19
CA ALA B 219 16.57 17.42 18.82
C ALA B 219 16.87 18.92 18.83
N SER B 220 17.59 19.39 17.82
CA SER B 220 18.01 20.79 17.74
C SER B 220 17.65 21.39 16.40
N ALA B 221 17.37 22.69 16.42
CA ALA B 221 17.02 23.46 15.23
C ALA B 221 17.95 24.66 15.15
N LYS B 222 18.71 24.75 14.07
CA LYS B 222 19.74 25.77 13.90
C LYS B 222 19.36 26.72 12.78
N LEU B 223 19.39 28.02 13.08
CA LEU B 223 19.11 29.04 12.08
C LEU B 223 20.34 29.33 11.23
N TRP B 224 20.15 29.42 9.92
CA TRP B 224 21.21 29.68 8.97
C TRP B 224 20.82 30.85 8.08
N ASP B 225 21.70 31.84 7.95
CA ASP B 225 21.55 32.90 6.96
C ASP B 225 22.44 32.63 5.76
N VAL B 226 21.86 32.71 4.57
CA VAL B 226 22.56 32.33 3.34
C VAL B 226 23.71 33.30 3.02
N ARG B 227 23.57 34.59 3.34
CA ARG B 227 24.58 35.56 2.99
C ARG B 227 25.82 35.44 3.87
N GLU B 228 25.62 35.45 5.19
CA GLU B 228 26.76 35.44 6.10
C GLU B 228 27.45 34.08 6.14
N GLY B 229 26.69 33.00 6.14
CA GLY B 229 27.25 31.66 6.09
C GLY B 229 27.54 31.00 7.41
N MET B 230 27.00 31.50 8.51
CA MET B 230 27.22 30.92 9.83
C MET B 230 25.91 30.75 10.57
N CYS B 231 25.88 29.76 11.48
CA CYS B 231 24.69 29.52 12.27
C CYS B 231 24.54 30.60 13.34
N ARG B 232 23.38 31.27 13.33
CA ARG B 232 23.15 32.39 14.25
C ARG B 232 22.57 31.93 15.59
N GLN B 233 21.53 31.09 15.56
CA GLN B 233 20.89 30.63 16.79
C GLN B 233 20.65 29.13 16.73
N THR B 234 20.45 28.54 17.91
CA THR B 234 20.22 27.11 18.06
C THR B 234 19.15 26.93 19.13
N PHE B 235 18.17 26.08 18.85
CA PHE B 235 17.04 25.86 19.74
C PHE B 235 16.97 24.38 20.09
N THR B 236 16.77 24.10 21.38
CA THR B 236 16.73 22.75 21.91
C THR B 236 15.52 22.66 22.83
N GLY B 237 15.09 21.43 23.14
CA GLY B 237 13.95 21.23 24.01
C GLY B 237 13.14 20.00 23.70
N HIS B 238 13.39 19.39 22.54
CA HIS B 238 12.81 18.10 22.21
C HIS B 238 13.64 16.96 22.80
N GLU B 239 13.03 15.79 22.84
CA GLU B 239 13.67 14.59 23.38
C GLU B 239 13.97 13.55 22.32
N SER B 240 13.66 13.81 21.05
CA SER B 240 13.82 12.82 19.99
C SER B 240 13.97 13.55 18.66
N ASP B 241 13.85 12.78 17.57
CA ASP B 241 14.00 13.32 16.22
C ASP B 241 12.82 14.22 15.88
N ILE B 242 13.12 15.36 15.24
CA ILE B 242 12.10 16.27 14.74
C ILE B 242 11.99 16.11 13.23
N ASN B 243 10.76 15.93 12.75
CA ASN B 243 10.53 15.58 11.35
C ASN B 243 10.04 16.74 10.48
N ALA B 244 9.50 17.81 11.06
CA ALA B 244 8.88 18.84 10.24
C ALA B 244 9.17 20.22 10.82
N ILE B 245 9.29 21.20 9.92
CA ILE B 245 9.65 22.58 10.22
C ILE B 245 8.83 23.47 9.30
N CYS B 246 8.15 24.47 9.86
CA CYS B 246 7.52 25.50 9.06
C CYS B 246 7.67 26.86 9.72
N PHE B 247 7.98 27.88 8.92
CA PHE B 247 8.00 29.25 9.41
C PHE B 247 6.59 29.80 9.60
N PHE B 248 6.51 30.83 10.44
CA PHE B 248 5.32 31.64 10.62
C PHE B 248 5.23 32.62 9.45
N PRO B 249 4.03 33.07 9.10
CA PRO B 249 3.91 34.06 8.01
C PRO B 249 4.60 35.40 8.29
N ASN B 250 4.70 35.80 9.56
CA ASN B 250 5.51 36.98 9.89
C ASN B 250 6.99 36.68 9.66
N GLY B 251 7.42 35.45 9.93
CA GLY B 251 8.80 35.07 9.79
C GLY B 251 9.64 35.13 11.05
N ASN B 252 9.04 35.37 12.21
CA ASN B 252 9.77 35.48 13.46
C ASN B 252 9.59 34.28 14.39
N ALA B 253 8.75 33.32 14.02
CA ALA B 253 8.54 32.12 14.84
C ALA B 253 8.51 30.90 13.93
N PHE B 254 8.74 29.73 14.53
CA PHE B 254 8.62 28.49 13.77
C PHE B 254 8.23 27.35 14.71
N ALA B 255 7.41 26.44 14.20
CA ALA B 255 6.94 25.29 14.97
C ALA B 255 7.65 24.03 14.52
N THR B 256 7.98 23.17 15.48
CA THR B 256 8.68 21.92 15.24
C THR B 256 7.84 20.77 15.77
N GLY B 257 7.76 19.71 14.98
CA GLY B 257 7.05 18.50 15.37
C GLY B 257 8.00 17.33 15.41
N SER B 258 7.83 16.48 16.44
CA SER B 258 8.79 15.42 16.74
C SER B 258 8.04 14.11 16.92
N ASP B 259 8.80 13.05 17.22
CA ASP B 259 8.23 11.73 17.43
C ASP B 259 7.62 11.55 18.82
N ASP B 260 7.75 12.54 19.70
CA ASP B 260 7.17 12.51 21.03
C ASP B 260 5.79 13.15 21.09
N ALA B 261 5.14 13.33 19.93
CA ALA B 261 3.81 13.94 19.78
C ALA B 261 3.74 15.35 20.37
N THR B 262 4.84 16.10 20.27
CA THR B 262 4.94 17.42 20.90
C THR B 262 5.36 18.42 19.83
N CYS B 263 4.51 19.44 19.62
CA CYS B 263 4.77 20.47 18.61
C CYS B 263 5.26 21.75 19.28
N ARG B 264 6.55 21.79 19.56
CA ARG B 264 7.11 22.93 20.27
C ARG B 264 7.30 24.12 19.33
N LEU B 265 7.03 25.32 19.82
CA LEU B 265 7.12 26.53 19.01
C LEU B 265 8.24 27.39 19.54
N PHE B 266 9.14 27.82 18.65
CA PHE B 266 10.32 28.57 19.02
C PHE B 266 10.27 29.95 18.37
N ASP B 267 10.59 30.96 19.17
CA ASP B 267 10.57 32.35 18.75
C ASP B 267 11.99 32.81 18.49
N LEU B 268 12.20 33.48 17.35
CA LEU B 268 13.53 34.00 17.01
C LEU B 268 13.95 35.11 17.97
N ARG B 269 13.04 36.06 18.23
CA ARG B 269 13.38 37.21 19.06
C ARG B 269 13.49 36.82 20.54
N ALA B 270 12.52 36.04 21.04
CA ALA B 270 12.54 35.62 22.43
C ALA B 270 13.65 34.61 22.71
N ASP B 271 13.99 33.77 21.72
CA ASP B 271 15.03 32.74 21.78
C ASP B 271 14.74 31.72 22.89
N GLN B 272 13.50 31.24 22.90
CA GLN B 272 13.10 30.17 23.82
C GLN B 272 11.89 29.47 23.25
N GLU B 273 11.53 28.35 23.88
CA GLU B 273 10.31 27.62 23.56
C GLU B 273 9.10 28.41 24.04
N LEU B 274 8.27 28.86 23.10
CA LEU B 274 7.12 29.68 23.45
C LEU B 274 5.95 28.83 23.95
N MET B 275 5.59 27.80 23.20
CA MET B 275 4.35 27.06 23.46
C MET B 275 4.56 25.60 23.08
N THR B 276 3.91 24.71 23.83
CA THR B 276 3.98 23.27 23.59
C THR B 276 2.58 22.73 23.34
N TYR B 277 2.43 21.95 22.26
CA TYR B 277 1.17 21.33 21.90
C TYR B 277 1.32 19.82 22.01
N SER B 278 0.58 19.21 22.93
CA SER B 278 0.65 17.78 23.16
C SER B 278 -0.65 17.31 23.79
N HIS B 279 -0.96 16.03 23.60
CA HIS B 279 -2.18 15.45 24.14
C HIS B 279 -1.86 14.05 24.65
N ASP B 280 -2.75 13.54 25.52
CA ASP B 280 -2.47 12.30 26.24
C ASP B 280 -2.56 11.09 25.32
N ASN B 281 -3.66 10.94 24.59
CA ASN B 281 -3.89 9.72 23.81
C ASN B 281 -3.07 9.64 22.53
N ILE B 282 -2.55 10.74 22.01
CA ILE B 282 -1.60 10.71 20.90
C ILE B 282 -0.19 10.71 21.47
N ILE B 283 0.54 9.62 21.24
CA ILE B 283 1.95 9.52 21.58
C ILE B 283 2.83 9.27 20.38
N CYS B 284 2.27 9.23 19.17
CA CYS B 284 3.01 8.80 17.99
C CYS B 284 3.75 9.99 17.37
N GLY B 285 4.21 9.82 16.13
CA GLY B 285 5.19 10.71 15.54
C GLY B 285 4.65 11.66 14.48
N ILE B 286 5.24 12.85 14.43
CA ILE B 286 4.94 13.86 13.42
C ILE B 286 5.53 13.47 12.08
N THR B 287 4.75 13.63 11.01
CA THR B 287 5.31 13.62 9.67
C THR B 287 5.35 15.00 9.00
N SER B 288 4.32 15.82 9.17
CA SER B 288 4.31 17.13 8.54
C SER B 288 3.60 18.15 9.42
N VAL B 289 4.08 19.39 9.35
CA VAL B 289 3.57 20.51 10.11
C VAL B 289 3.41 21.68 9.14
N SER B 290 2.34 22.47 9.29
CA SER B 290 2.12 23.61 8.43
C SER B 290 1.33 24.66 9.19
N PHE B 291 1.23 25.85 8.59
CA PHE B 291 0.51 26.98 9.15
C PHE B 291 -0.49 27.51 8.15
N SER B 292 -1.50 28.20 8.67
CA SER B 292 -2.35 29.03 7.84
C SER B 292 -1.67 30.38 7.61
N LYS B 293 -2.20 31.15 6.65
CA LYS B 293 -1.61 32.45 6.36
C LYS B 293 -1.93 33.47 7.44
N SER B 294 -3.10 33.37 8.07
CA SER B 294 -3.37 34.17 9.26
C SER B 294 -2.47 33.77 10.43
N GLY B 295 -2.07 32.50 10.49
CA GLY B 295 -1.23 32.01 11.56
C GLY B 295 -1.97 31.43 12.74
N ARG B 296 -3.30 31.42 12.71
CA ARG B 296 -4.10 30.92 13.82
C ARG B 296 -4.13 29.40 13.87
N LEU B 297 -4.09 28.74 12.72
CA LEU B 297 -4.28 27.30 12.63
C LEU B 297 -2.94 26.58 12.54
N LEU B 298 -2.77 25.53 13.34
CA LEU B 298 -1.64 24.62 13.26
C LEU B 298 -2.10 23.32 12.65
N LEU B 299 -1.52 22.96 11.50
CA LEU B 299 -1.90 21.75 10.77
C LEU B 299 -0.84 20.70 11.03
N ALA B 300 -1.11 19.81 11.97
CA ALA B 300 -0.13 18.81 12.40
C ALA B 300 -0.52 17.44 11.84
N GLY B 301 0.43 16.79 11.17
CA GLY B 301 0.21 15.47 10.61
C GLY B 301 0.74 14.35 11.49
N TYR B 302 -0.18 13.55 12.04
CA TYR B 302 0.18 12.43 12.91
C TYR B 302 0.26 11.15 12.09
N ASP B 303 0.64 10.06 12.76
CA ASP B 303 0.54 8.71 12.20
C ASP B 303 -0.66 7.95 12.75
N ASP B 304 -1.58 8.65 13.42
CA ASP B 304 -2.80 8.07 13.96
C ASP B 304 -3.94 8.09 12.95
N PHE B 305 -3.61 8.15 11.65
CA PHE B 305 -4.48 8.13 10.47
C PHE B 305 -5.25 9.43 10.28
N ASN B 306 -4.94 10.46 11.07
CA ASN B 306 -5.63 11.73 11.00
C ASN B 306 -4.66 12.89 11.20
N CYS B 307 -4.96 14.01 10.55
CA CYS B 307 -4.22 15.26 10.74
C CYS B 307 -5.09 16.24 11.51
N ASN B 308 -4.53 16.83 12.55
CA ASN B 308 -5.29 17.70 13.43
C ASN B 308 -5.01 19.17 13.20
N VAL B 309 -6.05 19.98 13.38
CA VAL B 309 -5.96 21.43 13.41
C VAL B 309 -5.97 21.84 14.88
N TRP B 310 -4.84 22.38 15.32
CA TRP B 310 -4.65 22.97 16.64
C TRP B 310 -4.82 24.49 16.56
N ASP B 311 -5.06 25.09 17.72
CA ASP B 311 -5.18 26.54 17.83
C ASP B 311 -3.86 27.09 18.32
N ALA B 312 -3.27 28.02 17.54
CA ALA B 312 -1.94 28.53 17.84
C ALA B 312 -1.91 29.42 19.09
N LEU B 313 -3.04 30.00 19.47
CA LEU B 313 -3.08 30.91 20.62
C LEU B 313 -3.93 30.37 21.76
N LYS B 314 -4.28 29.09 21.74
CA LYS B 314 -5.13 28.52 22.79
C LYS B 314 -4.62 27.17 23.31
N ALA B 315 -3.79 26.45 22.53
CA ALA B 315 -3.25 25.12 22.85
C ALA B 315 -4.38 24.11 23.06
N ASP B 316 -5.38 24.17 22.19
CA ASP B 316 -6.50 23.25 22.19
C ASP B 316 -6.72 22.75 20.77
N ARG B 317 -7.33 21.57 20.65
CA ARG B 317 -7.59 20.97 19.35
C ARG B 317 -8.83 21.63 18.74
N ALA B 318 -8.66 22.16 17.52
CA ALA B 318 -9.76 22.81 16.82
C ALA B 318 -10.46 21.90 15.81
N GLY B 319 -9.79 20.87 15.31
CA GLY B 319 -10.44 19.99 14.35
C GLY B 319 -9.64 18.73 14.08
N VAL B 320 -10.32 17.75 13.50
CA VAL B 320 -9.76 16.43 13.20
C VAL B 320 -10.15 16.12 11.76
N LEU B 321 -9.19 16.21 10.83
CA LEU B 321 -9.45 15.86 9.44
C LEU B 321 -9.12 14.39 9.20
N ALA B 322 -9.98 13.54 9.78
CA ALA B 322 -9.79 12.08 9.72
C ALA B 322 -10.41 11.52 8.45
N GLY B 323 -9.80 11.88 7.31
CA GLY B 323 -10.24 11.41 6.02
C GLY B 323 -9.38 10.34 5.38
N HIS B 324 -8.27 9.97 6.00
CA HIS B 324 -7.36 8.97 5.46
C HIS B 324 -7.36 7.73 6.34
N ASP B 325 -7.10 6.58 5.73
CA ASP B 325 -6.97 5.32 6.46
C ASP B 325 -5.52 4.93 6.71
N ASN B 326 -4.56 5.69 6.21
CA ASN B 326 -3.15 5.44 6.44
C ASN B 326 -2.49 6.75 6.84
N ARG B 327 -1.23 6.67 7.27
CA ARG B 327 -0.52 7.83 7.80
C ARG B 327 -0.23 8.87 6.72
N VAL B 328 -0.43 10.14 7.07
CA VAL B 328 -0.29 11.26 6.13
C VAL B 328 1.19 11.64 6.00
N SER B 329 1.76 11.39 4.82
CA SER B 329 3.17 11.69 4.59
C SER B 329 3.42 13.19 4.47
N CYS B 330 2.55 13.91 3.76
CA CYS B 330 2.80 15.31 3.46
C CYS B 330 1.50 16.10 3.52
N LEU B 331 1.65 17.41 3.72
CA LEU B 331 0.51 18.31 3.91
C LEU B 331 0.90 19.68 3.39
N GLY B 332 0.00 20.33 2.66
CA GLY B 332 0.28 21.64 2.11
C GLY B 332 -0.88 22.60 2.14
N VAL B 333 -0.63 23.80 2.66
CA VAL B 333 -1.59 24.89 2.68
C VAL B 333 -1.25 25.84 1.54
N THR B 334 -2.28 26.29 0.81
CA THR B 334 -2.07 27.15 -0.35
C THR B 334 -1.58 28.53 0.07
N ASP B 335 -1.08 29.28 -0.92
CA ASP B 335 -0.54 30.60 -0.65
C ASP B 335 -1.64 31.61 -0.35
N ASP B 336 -2.73 31.57 -1.12
CA ASP B 336 -3.88 32.42 -0.80
C ASP B 336 -4.65 31.93 0.41
N GLY B 337 -4.52 30.66 0.77
CA GLY B 337 -5.16 30.14 1.97
C GLY B 337 -6.52 29.50 1.76
N MET B 338 -6.88 29.16 0.52
CA MET B 338 -8.23 28.65 0.26
C MET B 338 -8.42 27.23 0.78
N ALA B 339 -7.46 26.34 0.53
CA ALA B 339 -7.63 24.93 0.82
C ALA B 339 -6.38 24.37 1.46
N VAL B 340 -6.50 23.16 2.02
CA VAL B 340 -5.36 22.41 2.55
C VAL B 340 -5.41 20.99 1.98
N ALA B 341 -4.32 20.57 1.35
CA ALA B 341 -4.26 19.26 0.70
C ALA B 341 -3.37 18.32 1.51
N THR B 342 -3.91 17.15 1.83
CA THR B 342 -3.20 16.14 2.59
C THR B 342 -2.96 14.91 1.72
N GLY B 343 -1.73 14.40 1.74
CA GLY B 343 -1.41 13.17 1.03
C GLY B 343 -0.93 12.09 1.98
N SER B 344 -1.43 10.88 1.81
CA SER B 344 -1.11 9.78 2.70
C SER B 344 -0.62 8.60 1.88
N TRP B 345 -0.20 7.54 2.57
CA TRP B 345 0.42 6.39 1.91
C TRP B 345 -0.58 5.47 1.21
N ASP B 346 -1.88 5.78 1.25
CA ASP B 346 -2.88 5.00 0.54
C ASP B 346 -3.07 5.44 -0.90
N SER B 347 -2.16 6.29 -1.43
CA SER B 347 -2.14 6.83 -2.78
C SER B 347 -3.33 7.75 -3.07
N PHE B 348 -3.95 8.31 -2.04
CA PHE B 348 -5.08 9.22 -2.20
C PHE B 348 -4.70 10.60 -1.70
N LEU B 349 -4.87 11.60 -2.56
CA LEU B 349 -4.61 13.00 -2.23
C LEU B 349 -5.94 13.71 -2.02
N LYS B 350 -6.16 14.24 -0.82
CA LYS B 350 -7.43 14.84 -0.45
C LYS B 350 -7.29 16.34 -0.28
N ILE B 351 -8.14 17.09 -0.96
CA ILE B 351 -8.18 18.55 -0.85
C ILE B 351 -9.34 18.91 0.08
N TRP B 352 -9.04 19.63 1.16
CA TRP B 352 -9.98 19.94 2.22
C TRP B 352 -10.25 21.44 2.21
N ASN B 353 -11.51 21.82 2.12
CA ASN B 353 -11.91 23.21 2.24
C ASN B 353 -13.05 23.34 3.24
N ILE C 9 40.86 18.82 18.83
CA ILE C 9 40.41 19.89 19.71
C ILE C 9 40.03 21.11 18.89
N ALA C 10 40.31 21.05 17.58
CA ALA C 10 39.95 22.15 16.68
C ALA C 10 38.43 22.27 16.54
N GLN C 11 37.72 21.13 16.49
CA GLN C 11 36.27 21.14 16.39
C GLN C 11 35.63 21.72 17.65
N ALA C 12 36.15 21.35 18.82
CA ALA C 12 35.66 21.92 20.07
C ALA C 12 36.00 23.40 20.17
N ARG C 13 37.17 23.81 19.64
CA ARG C 13 37.51 25.22 19.57
C ARG C 13 36.53 26.00 18.69
N LYS C 14 36.14 25.41 17.57
CA LYS C 14 35.12 26.03 16.70
C LYS C 14 33.78 26.13 17.42
N LEU C 15 33.43 25.10 18.21
CA LEU C 15 32.21 25.15 19.00
C LEU C 15 32.24 26.26 20.04
N VAL C 16 33.40 26.45 20.71
CA VAL C 16 33.53 27.52 21.70
C VAL C 16 33.46 28.89 21.03
N GLU C 17 34.08 29.03 19.86
CA GLU C 17 34.02 30.29 19.11
C GLU C 17 32.60 30.61 18.66
N GLN C 18 31.87 29.58 18.21
CA GLN C 18 30.48 29.76 17.81
C GLN C 18 29.59 30.11 18.99
N LEU C 19 29.84 29.51 20.16
CA LEU C 19 29.08 29.87 21.35
C LEU C 19 29.38 31.28 21.83
N LYS C 20 30.64 31.73 21.66
CA LYS C 20 31.01 33.09 22.02
C LYS C 20 30.28 34.11 21.13
N MET C 21 30.26 33.89 19.82
CA MET C 21 29.53 34.82 18.97
C MET C 21 28.02 34.68 19.12
N GLU C 22 27.51 33.49 19.45
CA GLU C 22 26.09 33.30 19.69
C GLU C 22 25.63 33.99 20.98
N ALA C 23 26.49 34.06 21.99
CA ALA C 23 26.13 34.63 23.29
C ALA C 23 25.77 36.11 23.19
N ASN C 24 26.50 36.86 22.37
CA ASN C 24 26.23 38.29 22.21
C ASN C 24 25.09 38.46 21.21
N ILE C 25 23.86 38.35 21.74
CA ILE C 25 22.64 38.44 20.94
C ILE C 25 21.68 39.41 21.62
N ASP C 26 20.92 40.13 20.81
CA ASP C 26 19.93 41.06 21.31
C ASP C 26 18.80 40.33 22.03
N ARG C 27 18.52 40.74 23.26
CA ARG C 27 17.47 40.12 24.08
C ARG C 27 16.23 41.00 24.04
N ILE C 28 15.13 40.43 23.55
CA ILE C 28 13.86 41.12 23.43
C ILE C 28 12.88 40.45 24.39
N LYS C 29 12.03 41.26 25.04
CA LYS C 29 11.06 40.75 26.00
C LYS C 29 10.03 39.86 25.30
N VAL C 30 9.71 38.74 25.95
CA VAL C 30 8.78 37.75 25.40
C VAL C 30 7.35 38.31 25.30
N SER C 31 6.99 39.24 26.18
CA SER C 31 5.65 39.82 26.17
C SER C 31 5.39 40.65 24.91
N LYS C 32 6.39 41.44 24.49
CA LYS C 32 6.22 42.26 23.29
C LYS C 32 6.20 41.40 22.03
N ALA C 33 7.01 40.33 21.99
CA ALA C 33 7.01 39.42 20.85
C ALA C 33 5.69 38.66 20.75
N ALA C 34 5.15 38.21 21.89
CA ALA C 34 3.84 37.56 21.88
C ALA C 34 2.74 38.54 21.49
N ALA C 35 2.87 39.80 21.91
CA ALA C 35 1.91 40.82 21.49
C ALA C 35 2.00 41.08 19.99
N ASP C 36 3.21 41.02 19.43
CA ASP C 36 3.39 41.15 17.99
C ASP C 36 2.75 39.98 17.24
N LEU C 37 2.91 38.77 17.77
CA LEU C 37 2.32 37.59 17.11
C LEU C 37 0.80 37.63 17.15
N MET C 38 0.21 37.96 18.32
CA MET C 38 -1.25 38.05 18.39
C MET C 38 -1.78 39.24 17.61
N ALA C 39 -1.00 40.34 17.51
CA ALA C 39 -1.41 41.47 16.68
C ALA C 39 -1.43 41.11 15.20
N TYR C 40 -0.43 40.33 14.76
CA TYR C 40 -0.42 39.85 13.37
C TYR C 40 -1.59 38.91 13.10
N CYS C 41 -1.91 38.03 14.07
CA CYS C 41 -3.02 37.10 13.90
C CYS C 41 -4.37 37.82 13.86
N GLU C 42 -4.58 38.82 14.73
CA GLU C 42 -5.83 39.56 14.69
C GLU C 42 -5.91 40.48 13.47
N ALA C 43 -4.76 41.01 13.00
CA ALA C 43 -4.73 41.80 11.78
C ALA C 43 -5.15 40.99 10.57
N HIS C 44 -4.55 39.82 10.37
CA HIS C 44 -4.84 38.98 9.21
C HIS C 44 -5.90 37.92 9.50
N ALA C 45 -6.65 38.06 10.60
CA ALA C 45 -7.72 37.12 10.91
C ALA C 45 -8.86 37.19 9.91
N LYS C 46 -9.19 38.41 9.44
CA LYS C 46 -10.27 38.56 8.48
C LYS C 46 -9.92 37.97 7.12
N GLU C 47 -8.66 38.12 6.70
CA GLU C 47 -8.23 37.61 5.39
C GLU C 47 -7.74 36.17 5.54
N ASP C 48 -8.68 35.29 5.87
CA ASP C 48 -8.39 33.88 6.05
C ASP C 48 -9.65 33.07 5.73
N PRO C 49 -9.61 32.24 4.68
CA PRO C 49 -10.78 31.38 4.40
C PRO C 49 -10.97 30.29 5.44
N LEU C 50 -9.90 29.83 6.08
CA LEU C 50 -10.02 28.77 7.09
C LEU C 50 -10.71 29.27 8.35
N LEU C 51 -10.38 30.48 8.80
CA LEU C 51 -11.04 31.06 9.97
C LEU C 51 -12.48 31.43 9.67
N THR C 52 -12.71 32.16 8.58
CA THR C 52 -14.04 32.64 8.23
C THR C 52 -14.53 31.93 6.99
N PRO C 53 -15.61 31.14 7.10
CA PRO C 53 -16.10 30.36 5.95
C PRO C 53 -16.64 31.24 4.84
N VAL C 54 -16.09 31.09 3.64
CA VAL C 54 -16.49 31.84 2.46
C VAL C 54 -17.68 31.09 1.86
N PRO C 55 -18.68 31.77 1.30
CA PRO C 55 -19.76 31.06 0.61
C PRO C 55 -19.27 30.39 -0.67
N ALA C 56 -19.96 29.31 -1.04
CA ALA C 56 -19.57 28.46 -2.16
C ALA C 56 -19.64 29.16 -3.51
N SER C 57 -20.43 30.24 -3.62
CA SER C 57 -20.52 30.99 -4.87
C SER C 57 -19.18 31.65 -5.22
N GLU C 58 -18.53 32.27 -4.22
CA GLU C 58 -17.22 32.86 -4.43
C GLU C 58 -16.09 31.86 -4.33
N ASN C 59 -16.30 30.76 -3.60
CA ASN C 59 -15.29 29.69 -3.50
C ASN C 59 -15.08 29.03 -4.86
N PRO C 60 -13.83 28.89 -5.32
CA PRO C 60 -13.58 28.22 -6.61
C PRO C 60 -13.79 26.71 -6.58
N PHE C 61 -13.99 26.11 -5.41
CA PHE C 61 -14.21 24.67 -5.30
C PHE C 61 -15.69 24.34 -5.37
N TYR D 1 -33.19 -26.80 -13.70
CA TYR D 1 -33.01 -28.11 -14.32
C TYR D 1 -33.85 -29.15 -13.60
N DAL D 2 -34.44 -30.06 -14.37
CA DAL D 2 -35.27 -31.12 -13.80
CB DAL D 2 -34.94 -32.45 -14.45
C DAL D 2 -36.75 -30.79 -13.97
O DAL D 2 -37.57 -31.68 -14.17
N GLY D 3 -37.08 -29.50 -13.89
CA GLY D 3 -38.46 -29.07 -14.02
C GLY D 3 -38.88 -28.80 -15.46
C1 MEA D 4 -41.23 -28.83 -14.73
N MEA D 4 -40.17 -28.52 -15.66
CA MEA D 4 -40.75 -28.14 -16.96
C MEA D 4 -40.54 -29.23 -18.01
O MEA D 4 -41.34 -30.15 -18.07
CB MEA D 4 -40.19 -26.79 -17.48
CG MEA D 4 -40.23 -25.75 -16.43
CD1 MEA D 4 -41.44 -25.35 -15.88
CE1 MEA D 4 -41.47 -24.36 -14.88
CZ MEA D 4 -40.28 -23.79 -14.44
CE2 MEA D 4 -39.06 -24.20 -14.98
CD2 MEA D 4 -39.03 -25.17 -15.97
N MET E 66 -51.00 -35.58 -0.64
CA MET E 66 -51.56 -34.34 -0.13
C MET E 66 -50.58 -33.63 0.80
N ILE E 67 -50.16 -34.34 1.86
CA ILE E 67 -49.19 -33.80 2.80
C ILE E 67 -47.83 -33.63 2.11
N THR E 68 -47.49 -34.54 1.20
CA THR E 68 -46.21 -34.48 0.49
C THR E 68 -46.12 -33.24 -0.40
N ALA E 69 -47.24 -32.84 -1.02
CA ALA E 69 -47.25 -31.66 -1.86
C ALA E 69 -47.00 -30.38 -1.04
N ILE E 70 -47.65 -30.28 0.13
CA ILE E 70 -47.42 -29.15 1.03
C ILE E 70 -45.98 -29.16 1.53
N THR E 71 -45.43 -30.35 1.78
CA THR E 71 -44.05 -30.51 2.22
C THR E 71 -43.06 -29.99 1.18
N ILE E 72 -43.17 -30.49 -0.07
CA ILE E 72 -42.26 -30.06 -1.13
C ILE E 72 -42.44 -28.57 -1.45
N MET E 73 -43.68 -28.05 -1.36
CA MET E 73 -43.91 -26.62 -1.58
C MET E 73 -43.21 -25.77 -0.52
N ALA E 74 -43.29 -26.20 0.75
CA ALA E 74 -42.55 -25.53 1.81
C ALA E 74 -41.05 -25.65 1.61
N LEU E 75 -40.60 -26.78 1.06
CA LEU E 75 -39.18 -26.99 0.80
C LEU E 75 -38.67 -26.01 -0.26
N TYR E 76 -39.43 -25.87 -1.37
CA TYR E 76 -39.06 -24.88 -2.40
C TYR E 76 -39.10 -23.47 -1.86
N SER E 77 -40.09 -23.15 -1.01
CA SER E 77 -40.18 -21.81 -0.44
C SER E 77 -38.99 -21.49 0.46
N ILE E 78 -38.61 -22.42 1.34
CA ILE E 78 -37.48 -22.21 2.24
C ILE E 78 -36.17 -22.10 1.47
N VAL E 79 -35.97 -22.96 0.46
CA VAL E 79 -34.74 -22.93 -0.34
C VAL E 79 -34.64 -21.62 -1.13
N CYS E 80 -35.75 -21.18 -1.75
CA CYS E 80 -35.77 -19.92 -2.47
C CYS E 80 -35.47 -18.72 -1.57
N VAL E 81 -36.06 -18.72 -0.36
CA VAL E 81 -35.86 -17.60 0.57
C VAL E 81 -34.41 -17.54 1.05
N VAL E 82 -33.84 -18.69 1.44
CA VAL E 82 -32.46 -18.65 1.94
C VAL E 82 -31.46 -18.38 0.81
N GLY E 83 -31.77 -18.83 -0.42
CA GLY E 83 -30.88 -18.54 -1.54
C GLY E 83 -30.89 -17.06 -1.92
N LEU E 84 -32.08 -16.45 -1.97
CA LEU E 84 -32.16 -15.02 -2.26
C LEU E 84 -31.56 -14.19 -1.13
N PHE E 85 -31.71 -14.64 0.12
CA PHE E 85 -31.14 -13.92 1.25
C PHE E 85 -29.61 -13.96 1.23
N GLY E 86 -29.02 -15.12 0.94
CA GLY E 86 -27.58 -15.21 0.84
C GLY E 86 -27.02 -14.46 -0.35
N ASN E 87 -27.72 -14.50 -1.48
CA ASN E 87 -27.29 -13.77 -2.66
C ASN E 87 -27.36 -12.26 -2.44
N PHE E 88 -28.41 -11.79 -1.75
CA PHE E 88 -28.52 -10.36 -1.47
C PHE E 88 -27.50 -9.90 -0.44
N LEU E 89 -27.12 -10.77 0.52
CA LEU E 89 -26.04 -10.41 1.44
C LEU E 89 -24.70 -10.31 0.72
N VAL E 90 -24.42 -11.24 -0.20
CA VAL E 90 -23.15 -11.19 -0.94
C VAL E 90 -23.13 -9.97 -1.87
N MET E 91 -24.28 -9.62 -2.47
CA MET E 91 -24.36 -8.40 -3.27
C MET E 91 -24.17 -7.15 -2.41
N TYR E 92 -24.69 -7.16 -1.18
CA TYR E 92 -24.57 -6.01 -0.29
C TYR E 92 -23.11 -5.80 0.11
N VAL E 93 -22.41 -6.89 0.43
CA VAL E 93 -21.01 -6.77 0.85
C VAL E 93 -20.11 -6.38 -0.32
N ILE E 94 -20.37 -6.94 -1.51
CA ILE E 94 -19.54 -6.62 -2.68
C ILE E 94 -19.75 -5.17 -3.11
N VAL E 95 -21.00 -4.70 -3.14
CA VAL E 95 -21.27 -3.34 -3.61
C VAL E 95 -20.78 -2.31 -2.59
N ARG E 96 -21.10 -2.48 -1.30
CA ARG E 96 -20.80 -1.40 -0.37
C ARG E 96 -19.46 -1.54 0.36
N TYR E 97 -18.82 -2.70 0.36
CA TYR E 97 -17.61 -2.87 1.16
C TYR E 97 -16.36 -3.09 0.34
N THR E 98 -16.35 -4.08 -0.57
CA THR E 98 -15.10 -4.45 -1.24
C THR E 98 -14.79 -3.52 -2.40
N LYS E 99 -15.82 -3.07 -3.12
CA LYS E 99 -15.75 -2.07 -4.20
C LYS E 99 -14.93 -2.61 -5.40
N MET E 100 -14.89 -3.94 -5.52
CA MET E 100 -14.32 -4.68 -6.67
C MET E 100 -12.87 -4.32 -6.95
N LYS E 101 -12.00 -4.63 -5.99
CA LYS E 101 -10.58 -4.31 -6.12
C LYS E 101 -9.77 -5.45 -6.72
N THR E 102 -9.89 -6.65 -6.15
CA THR E 102 -9.17 -7.80 -6.66
C THR E 102 -9.95 -8.48 -7.78
N ALA E 103 -9.26 -9.35 -8.52
CA ALA E 103 -9.88 -10.06 -9.63
C ALA E 103 -10.90 -11.10 -9.15
N THR E 104 -10.67 -11.69 -7.97
CA THR E 104 -11.54 -12.73 -7.44
C THR E 104 -12.94 -12.21 -7.13
N ASN E 105 -13.05 -10.94 -6.73
CA ASN E 105 -14.34 -10.35 -6.40
C ASN E 105 -15.25 -10.23 -7.61
N ILE E 106 -14.68 -10.09 -8.81
CA ILE E 106 -15.47 -10.10 -10.03
C ILE E 106 -16.10 -11.47 -10.25
N TYR E 107 -15.34 -12.54 -9.96
CA TYR E 107 -15.88 -13.89 -10.10
C TYR E 107 -16.93 -14.18 -9.04
N ILE E 108 -16.74 -13.65 -7.83
CA ILE E 108 -17.72 -13.82 -6.77
C ILE E 108 -19.00 -13.05 -7.10
N PHE E 109 -18.86 -11.88 -7.73
CA PHE E 109 -20.02 -11.13 -8.21
C PHE E 109 -20.75 -11.88 -9.32
N ASN E 110 -20.01 -12.54 -10.22
CA ASN E 110 -20.62 -13.32 -11.28
C ASN E 110 -21.35 -14.54 -10.72
N LEU E 111 -20.76 -15.20 -9.73
CA LEU E 111 -21.39 -16.35 -9.10
C LEU E 111 -22.64 -15.95 -8.33
N ALA E 112 -22.59 -14.80 -7.63
CA ALA E 112 -23.74 -14.33 -6.89
C ALA E 112 -24.88 -13.91 -7.82
N LEU E 113 -24.55 -13.29 -8.96
CA LEU E 113 -25.59 -12.89 -9.91
C LEU E 113 -26.23 -14.10 -10.58
N ALA E 114 -25.41 -15.09 -10.97
CA ALA E 114 -25.95 -16.30 -11.58
C ALA E 114 -26.79 -17.10 -10.60
N ASP E 115 -26.36 -17.16 -9.34
CA ASP E 115 -27.13 -17.89 -8.33
C ASP E 115 -28.42 -17.18 -7.96
N ALA E 116 -28.41 -15.83 -7.93
CA ALA E 116 -29.64 -15.10 -7.63
C ALA E 116 -30.65 -15.22 -8.76
N LEU E 117 -30.20 -15.11 -10.01
CA LEU E 117 -31.12 -15.26 -11.13
C LEU E 117 -31.59 -16.70 -11.28
N ALA E 118 -30.75 -17.68 -10.93
CA ALA E 118 -31.20 -19.08 -10.95
C ALA E 118 -32.19 -19.37 -9.84
N THR E 119 -31.98 -18.80 -8.65
CA THR E 119 -32.88 -19.01 -7.53
C THR E 119 -34.20 -18.28 -7.72
N SER E 120 -34.22 -17.23 -8.53
CA SER E 120 -35.46 -16.52 -8.85
C SER E 120 -36.45 -17.36 -9.65
N THR E 121 -35.99 -18.44 -10.30
CA THR E 121 -36.84 -19.31 -11.10
C THR E 121 -37.75 -20.21 -10.24
N LEU E 122 -37.45 -20.34 -8.95
CA LEU E 122 -38.14 -21.27 -8.06
C LEU E 122 -39.61 -20.95 -7.72
N PRO E 123 -40.05 -19.69 -7.51
CA PRO E 123 -41.49 -19.48 -7.32
C PRO E 123 -42.33 -19.76 -8.56
N PHE E 124 -41.78 -19.54 -9.76
CA PHE E 124 -42.50 -19.90 -10.97
C PHE E 124 -42.56 -21.42 -11.16
N GLN E 125 -41.52 -22.12 -10.71
CA GLN E 125 -41.46 -23.57 -10.85
C GLN E 125 -42.31 -24.28 -9.81
N SER E 126 -42.49 -23.66 -8.63
CA SER E 126 -43.21 -24.31 -7.53
C SER E 126 -44.69 -24.46 -7.82
N VAL E 127 -45.33 -23.42 -8.36
CA VAL E 127 -46.77 -23.44 -8.62
C VAL E 127 -47.15 -24.41 -9.74
N ASN E 128 -46.20 -24.77 -10.62
CA ASN E 128 -46.49 -25.64 -11.76
C ASN E 128 -46.94 -27.02 -11.29
N TYR E 129 -46.36 -27.53 -10.21
CA TYR E 129 -46.77 -28.83 -9.69
C TYR E 129 -48.17 -28.78 -9.09
N LEU E 130 -48.43 -27.79 -8.23
CA LEU E 130 -49.68 -27.74 -7.49
C LEU E 130 -50.86 -27.40 -8.39
N MET E 131 -50.72 -26.35 -9.21
CA MET E 131 -51.81 -25.96 -10.09
C MET E 131 -51.97 -26.94 -11.25
N GLY E 132 -50.86 -27.37 -11.84
CA GLY E 132 -50.89 -28.22 -13.01
C GLY E 132 -50.94 -27.47 -14.33
N THR E 133 -51.24 -26.18 -14.30
CA THR E 133 -51.31 -25.35 -15.49
C THR E 133 -50.34 -24.19 -15.36
N TRP E 134 -49.98 -23.61 -16.51
CA TRP E 134 -49.14 -22.42 -16.57
C TRP E 134 -49.97 -21.25 -17.11
N PRO E 135 -50.68 -20.49 -16.24
CA PRO E 135 -51.53 -19.39 -16.70
C PRO E 135 -50.78 -18.07 -16.79
N PHE E 136 -49.60 -18.08 -17.39
CA PHE E 136 -48.73 -16.93 -17.46
C PHE E 136 -48.39 -16.48 -18.87
N GLY E 137 -48.75 -17.27 -19.89
CA GLY E 137 -48.45 -16.93 -21.27
C GLY E 137 -47.19 -17.62 -21.77
N THR E 138 -47.08 -17.68 -23.10
CA THR E 138 -45.96 -18.37 -23.72
C THR E 138 -44.64 -17.59 -23.56
N ILE E 139 -44.70 -16.25 -23.55
CA ILE E 139 -43.48 -15.45 -23.50
C ILE E 139 -42.79 -15.58 -22.14
N LEU E 140 -43.56 -15.60 -21.06
CA LEU E 140 -42.97 -15.79 -19.74
C LEU E 140 -42.47 -17.22 -19.57
N CYS E 141 -43.12 -18.19 -20.21
CA CYS E 141 -42.62 -19.56 -20.26
C CYS E 141 -41.25 -19.62 -20.93
N LYS E 142 -41.09 -18.88 -22.04
CA LYS E 142 -39.80 -18.79 -22.72
C LYS E 142 -38.74 -18.14 -21.84
N ILE E 143 -39.11 -17.06 -21.14
CA ILE E 143 -38.17 -16.37 -20.26
C ILE E 143 -37.75 -17.26 -19.09
N VAL E 144 -38.69 -18.04 -18.53
CA VAL E 144 -38.38 -18.87 -17.37
C VAL E 144 -37.48 -20.04 -17.75
N ILE E 145 -37.78 -20.71 -18.87
CA ILE E 145 -36.92 -21.81 -19.33
C ILE E 145 -35.53 -21.30 -19.74
N SER E 146 -35.48 -20.10 -20.35
CA SER E 146 -34.21 -19.50 -20.74
C SER E 146 -33.35 -19.17 -19.54
N ILE E 147 -33.94 -18.55 -18.51
CA ILE E 147 -33.22 -18.22 -17.28
C ILE E 147 -32.77 -19.48 -16.57
N ASP E 148 -33.61 -20.53 -16.57
CA ASP E 148 -33.33 -21.78 -15.87
C ASP E 148 -32.11 -22.48 -16.45
N TYR E 149 -32.02 -22.60 -17.78
CA TYR E 149 -30.82 -23.19 -18.36
C TYR E 149 -29.63 -22.23 -18.32
N TYR E 150 -29.89 -20.95 -18.56
CA TYR E 150 -28.85 -19.94 -18.76
C TYR E 150 -28.02 -19.73 -17.51
N ASN E 151 -28.68 -19.49 -16.37
CA ASN E 151 -27.92 -19.22 -15.15
C ASN E 151 -27.29 -20.48 -14.58
N MET E 152 -27.85 -21.66 -14.88
CA MET E 152 -27.20 -22.92 -14.53
C MET E 152 -25.85 -23.06 -15.22
N PHE E 153 -25.84 -22.88 -16.56
CA PHE E 153 -24.57 -22.92 -17.29
C PHE E 153 -23.62 -21.80 -16.86
N THR E 154 -24.18 -20.62 -16.55
CA THR E 154 -23.35 -19.49 -16.11
C THR E 154 -22.65 -19.79 -14.79
N SER E 155 -23.38 -20.37 -13.83
CA SER E 155 -22.79 -20.72 -12.53
C SER E 155 -21.77 -21.85 -12.67
N ILE E 156 -22.04 -22.83 -13.53
CA ILE E 156 -21.12 -23.97 -13.65
C ILE E 156 -19.80 -23.54 -14.31
N PHE E 157 -19.89 -22.79 -15.41
CA PHE E 157 -18.66 -22.28 -16.02
C PHE E 157 -17.98 -21.22 -15.15
N THR E 158 -18.72 -20.51 -14.30
CA THR E 158 -18.09 -19.60 -13.35
C THR E 158 -17.27 -20.36 -12.30
N LEU E 159 -17.80 -21.49 -11.81
CA LEU E 159 -17.03 -22.32 -10.89
C LEU E 159 -15.80 -22.92 -11.57
N CYS E 160 -15.94 -23.32 -12.84
CA CYS E 160 -14.78 -23.82 -13.59
C CYS E 160 -13.72 -22.74 -13.78
N THR E 161 -14.15 -21.52 -14.06
CA THR E 161 -13.22 -20.41 -14.26
C THR E 161 -12.51 -20.05 -12.95
N MET E 162 -13.22 -20.14 -11.82
CA MET E 162 -12.56 -19.90 -10.53
C MET E 162 -11.58 -21.01 -10.18
N SER E 163 -11.89 -22.27 -10.55
CA SER E 163 -10.94 -23.36 -10.34
C SER E 163 -9.67 -23.17 -11.17
N VAL E 164 -9.83 -22.75 -12.43
CA VAL E 164 -8.68 -22.44 -13.28
C VAL E 164 -7.92 -21.23 -12.74
N ASP E 165 -8.63 -20.26 -12.14
CA ASP E 165 -7.99 -19.08 -11.56
C ASP E 165 -7.10 -19.45 -10.39
N ARG E 166 -7.60 -20.29 -9.47
CA ARG E 166 -6.76 -20.74 -8.36
C ARG E 166 -5.63 -21.67 -8.83
N TYR E 167 -5.84 -22.43 -9.91
CA TYR E 167 -4.77 -23.27 -10.45
C TYR E 167 -3.64 -22.42 -11.02
N ILE E 168 -3.97 -21.38 -11.79
CA ILE E 168 -2.95 -20.48 -12.34
C ILE E 168 -2.29 -19.68 -11.22
N ALA E 169 -3.05 -19.33 -10.19
CA ALA E 169 -2.51 -18.55 -9.08
C ALA E 169 -1.49 -19.36 -8.27
N VAL E 170 -1.77 -20.63 -8.01
CA VAL E 170 -0.88 -21.42 -7.18
C VAL E 170 0.24 -22.08 -7.99
N CYS E 171 -0.12 -22.83 -9.03
CA CYS E 171 0.85 -23.70 -9.67
C CYS E 171 1.80 -22.97 -10.62
N HIS E 172 1.35 -21.87 -11.22
CA HIS E 172 2.16 -21.11 -12.19
C HIS E 172 2.35 -19.68 -11.69
N PRO E 173 3.32 -19.46 -10.79
CA PRO E 173 3.41 -18.16 -10.11
C PRO E 173 3.92 -17.03 -10.99
N VAL E 174 4.84 -17.32 -11.92
CA VAL E 174 5.42 -16.27 -12.76
C VAL E 174 4.39 -15.75 -13.76
N LYS E 175 3.61 -16.65 -14.35
CA LYS E 175 2.59 -16.24 -15.30
C LYS E 175 1.34 -15.68 -14.63
N ALA E 176 1.17 -15.94 -13.33
CA ALA E 176 0.04 -15.38 -12.60
C ALA E 176 0.16 -13.88 -12.40
N LEU E 177 1.37 -13.34 -12.41
CA LEU E 177 1.53 -11.89 -12.36
C LEU E 177 1.00 -11.23 -13.63
N ASP E 178 1.26 -11.84 -14.79
CA ASP E 178 0.77 -11.29 -16.05
C ASP E 178 -0.72 -11.56 -16.24
N PHE E 179 -1.18 -12.76 -15.94
CA PHE E 179 -2.55 -13.16 -16.30
C PHE E 179 -3.59 -12.59 -15.35
N ARG E 180 -3.36 -12.69 -14.04
CA ARG E 180 -4.38 -12.35 -13.05
C ARG E 180 -4.47 -10.83 -12.90
N THR E 181 -5.23 -10.22 -13.80
CA THR E 181 -5.54 -8.80 -13.82
C THR E 181 -7.04 -8.65 -13.92
N PRO E 182 -7.60 -7.52 -13.45
CA PRO E 182 -9.06 -7.31 -13.61
C PRO E 182 -9.54 -7.24 -15.06
N ARG E 183 -8.67 -6.85 -16.01
CA ARG E 183 -9.07 -6.80 -17.40
C ARG E 183 -9.33 -8.20 -17.96
N ASN E 184 -8.44 -9.15 -17.67
CA ASN E 184 -8.67 -10.52 -18.09
C ASN E 184 -9.85 -11.15 -17.38
N ALA E 185 -10.09 -10.76 -16.13
CA ALA E 185 -11.27 -11.26 -15.41
C ALA E 185 -12.56 -10.74 -16.02
N LYS E 186 -12.57 -9.46 -16.44
CA LYS E 186 -13.78 -8.92 -17.07
C LYS E 186 -14.02 -9.52 -18.45
N ILE E 187 -12.95 -9.73 -19.24
CA ILE E 187 -13.19 -10.30 -20.57
C ILE E 187 -13.54 -11.78 -20.48
N ILE E 188 -13.01 -12.52 -19.51
CA ILE E 188 -13.41 -13.91 -19.35
C ILE E 188 -14.82 -14.00 -18.77
N ASN E 189 -15.24 -12.98 -18.00
CA ASN E 189 -16.63 -12.93 -17.54
C ASN E 189 -17.59 -12.68 -18.68
N VAL E 190 -17.22 -11.76 -19.60
CA VAL E 190 -18.05 -11.50 -20.78
C VAL E 190 -18.10 -12.75 -21.68
N CYS E 191 -16.97 -13.44 -21.83
CA CYS E 191 -16.94 -14.68 -22.59
C CYS E 191 -17.76 -15.78 -21.91
N ASN E 192 -17.82 -15.77 -20.58
CA ASN E 192 -18.65 -16.72 -19.83
C ASN E 192 -20.13 -16.47 -20.11
N TRP E 193 -20.56 -15.21 -20.06
CA TRP E 193 -21.97 -14.92 -20.32
C TRP E 193 -22.34 -15.16 -21.79
N ILE E 194 -21.41 -14.93 -22.73
CA ILE E 194 -21.69 -15.21 -24.14
C ILE E 194 -21.75 -16.72 -24.39
N LEU E 195 -20.84 -17.48 -23.78
CA LEU E 195 -20.86 -18.93 -23.93
C LEU E 195 -22.09 -19.56 -23.29
N SER E 196 -22.59 -18.97 -22.20
CA SER E 196 -23.87 -19.43 -21.66
C SER E 196 -25.05 -18.97 -22.51
N SER E 197 -24.93 -17.82 -23.18
CA SER E 197 -26.00 -17.36 -24.07
C SER E 197 -26.10 -18.20 -25.33
N ALA E 198 -25.00 -18.85 -25.73
CA ALA E 198 -25.01 -19.78 -26.84
C ALA E 198 -25.91 -20.98 -26.61
N ILE E 199 -26.20 -21.33 -25.35
CA ILE E 199 -27.14 -22.41 -25.02
C ILE E 199 -28.46 -21.76 -24.61
N GLY E 200 -28.39 -20.55 -24.06
CA GLY E 200 -29.59 -19.90 -23.55
C GLY E 200 -30.55 -19.44 -24.64
N LEU E 201 -30.01 -18.90 -25.75
CA LEU E 201 -30.88 -18.34 -26.78
C LEU E 201 -31.64 -19.38 -27.62
N PRO E 202 -31.04 -20.48 -28.12
CA PRO E 202 -31.86 -21.45 -28.87
C PRO E 202 -32.89 -22.18 -28.03
N VAL E 203 -32.60 -22.44 -26.76
CA VAL E 203 -33.59 -23.02 -25.87
C VAL E 203 -34.71 -22.01 -25.58
N MET E 204 -34.37 -20.72 -25.53
CA MET E 204 -35.38 -19.67 -25.41
C MET E 204 -36.30 -19.64 -26.63
N PHE E 205 -35.73 -19.75 -27.82
CA PHE E 205 -36.54 -19.79 -29.04
C PHE E 205 -37.40 -21.06 -29.10
N MET E 206 -36.84 -22.19 -28.66
CA MET E 206 -37.51 -23.48 -28.75
C MET E 206 -38.58 -23.68 -27.68
N ALA E 207 -38.60 -22.86 -26.63
CA ALA E 207 -39.57 -23.01 -25.55
C ALA E 207 -40.98 -22.67 -26.02
N THR E 208 -41.93 -23.57 -25.76
CA THR E 208 -43.32 -23.40 -26.19
C THR E 208 -44.28 -23.73 -25.04
N THR E 209 -45.57 -23.59 -25.36
CA THR E 209 -46.67 -23.91 -24.46
C THR E 209 -47.61 -24.90 -25.15
N LYS E 210 -47.89 -26.01 -24.48
CA LYS E 210 -48.71 -27.08 -25.03
C LYS E 210 -49.99 -27.25 -24.21
N TYR E 211 -51.12 -27.35 -24.89
CA TYR E 211 -52.41 -27.56 -24.25
C TYR E 211 -52.70 -29.05 -24.20
N ARG E 212 -52.68 -29.64 -23.00
CA ARG E 212 -53.15 -31.00 -22.80
C ARG E 212 -54.68 -31.01 -22.73
N GLN E 213 -55.23 -32.20 -22.46
CA GLN E 213 -56.68 -32.33 -22.33
C GLN E 213 -57.20 -31.63 -21.08
N GLY E 214 -56.36 -31.50 -20.04
CA GLY E 214 -56.79 -30.86 -18.81
C GLY E 214 -55.79 -29.91 -18.18
N SER E 215 -54.70 -29.58 -18.89
CA SER E 215 -53.63 -28.80 -18.27
C SER E 215 -52.89 -27.99 -19.32
N ILE E 216 -52.10 -27.03 -18.82
CA ILE E 216 -51.21 -26.21 -19.63
C ILE E 216 -49.78 -26.60 -19.28
N ASP E 217 -48.96 -26.86 -20.29
CA ASP E 217 -47.58 -27.32 -20.09
C ASP E 217 -46.60 -26.32 -20.67
N CYS E 218 -45.63 -25.91 -19.85
CA CYS E 218 -44.53 -25.04 -20.26
C CYS E 218 -43.35 -25.94 -20.62
N THR E 219 -43.15 -26.22 -21.90
CA THR E 219 -42.22 -27.28 -22.26
C THR E 219 -41.50 -26.96 -23.56
N LEU E 220 -40.54 -27.80 -23.91
CA LEU E 220 -39.78 -27.65 -25.14
C LEU E 220 -40.50 -28.33 -26.30
N THR E 221 -40.43 -27.72 -27.48
CA THR E 221 -41.01 -28.33 -28.67
C THR E 221 -40.00 -29.26 -29.32
N PHE E 222 -40.51 -30.16 -30.16
CA PHE E 222 -39.71 -31.18 -30.81
C PHE E 222 -39.67 -30.96 -32.31
N SER E 223 -38.50 -31.18 -32.91
CA SER E 223 -38.34 -31.29 -34.34
C SER E 223 -38.07 -32.75 -34.68
N HIS E 224 -38.48 -33.16 -35.88
CA HIS E 224 -38.40 -34.56 -36.27
C HIS E 224 -36.95 -34.95 -36.58
N PRO E 225 -36.44 -36.08 -36.06
CA PRO E 225 -37.07 -37.02 -35.12
C PRO E 225 -37.09 -36.54 -33.67
N THR E 226 -38.21 -36.79 -32.97
CA THR E 226 -38.45 -36.17 -31.67
C THR E 226 -37.51 -36.69 -30.58
N TRP E 227 -37.19 -37.99 -30.61
CA TRP E 227 -36.33 -38.55 -29.56
C TRP E 227 -34.88 -38.09 -29.70
N TYR E 228 -34.43 -37.88 -30.94
CA TYR E 228 -33.02 -37.58 -31.20
C TYR E 228 -32.61 -36.22 -30.66
N TRP E 229 -33.40 -35.19 -30.95
CA TRP E 229 -33.01 -33.83 -30.56
C TRP E 229 -33.12 -33.64 -29.04
N GLU E 230 -34.16 -34.19 -28.43
CA GLU E 230 -34.34 -34.05 -26.99
C GLU E 230 -33.31 -34.86 -26.22
N ASN E 231 -33.04 -36.10 -26.67
CA ASN E 231 -32.03 -36.90 -25.98
C ASN E 231 -30.62 -36.38 -26.24
N LEU E 232 -30.37 -35.76 -27.41
CA LEU E 232 -29.09 -35.12 -27.65
C LEU E 232 -28.90 -33.90 -26.77
N LEU E 233 -29.98 -33.14 -26.55
CA LEU E 233 -29.89 -31.99 -25.65
C LEU E 233 -29.66 -32.42 -24.21
N LYS E 234 -30.34 -33.48 -23.77
CA LYS E 234 -30.16 -33.96 -22.39
C LYS E 234 -28.78 -34.55 -22.17
N ILE E 235 -28.26 -35.30 -23.15
CA ILE E 235 -26.92 -35.87 -23.02
C ILE E 235 -25.85 -34.78 -23.11
N CYS E 236 -26.08 -33.75 -23.93
CA CYS E 236 -25.10 -32.66 -24.03
C CYS E 236 -25.05 -31.83 -22.75
N VAL E 237 -26.22 -31.56 -22.15
CA VAL E 237 -26.26 -30.86 -20.87
C VAL E 237 -25.63 -31.73 -19.77
N PHE E 238 -25.88 -33.05 -19.81
CA PHE E 238 -25.31 -33.97 -18.84
C PHE E 238 -23.78 -34.00 -18.91
N ILE E 239 -23.24 -34.09 -20.13
CA ILE E 239 -21.79 -34.15 -20.30
C ILE E 239 -21.15 -32.83 -19.90
N PHE E 240 -21.61 -31.72 -20.50
CA PHE E 240 -20.97 -30.42 -20.29
C PHE E 240 -21.24 -29.84 -18.91
N ALA E 241 -22.19 -30.39 -18.14
CA ALA E 241 -22.43 -29.93 -16.78
C ALA E 241 -21.94 -30.90 -15.71
N PHE E 242 -21.63 -32.15 -16.04
CA PHE E 242 -21.19 -33.08 -15.02
C PHE E 242 -19.82 -33.68 -15.29
N ILE E 243 -19.54 -34.13 -16.52
CA ILE E 243 -18.32 -34.88 -16.77
C ILE E 243 -17.10 -33.95 -16.83
N MET E 244 -17.12 -33.01 -17.78
CA MET E 244 -16.08 -31.99 -17.87
C MET E 244 -15.88 -31.12 -16.62
N PRO E 245 -16.91 -30.53 -15.97
CA PRO E 245 -16.60 -29.63 -14.85
C PRO E 245 -16.03 -30.31 -13.61
N VAL E 246 -16.53 -31.50 -13.27
CA VAL E 246 -15.99 -32.25 -12.13
C VAL E 246 -14.55 -32.65 -12.40
N LEU E 247 -14.25 -33.03 -13.65
CA LEU E 247 -12.89 -33.38 -14.03
C LEU E 247 -11.94 -32.19 -13.94
N ILE E 248 -12.36 -31.03 -14.43
CA ILE E 248 -11.49 -29.84 -14.39
C ILE E 248 -11.26 -29.40 -12.96
N ILE E 249 -12.32 -29.34 -12.14
CA ILE E 249 -12.20 -28.89 -10.76
C ILE E 249 -11.36 -29.88 -9.94
N THR E 250 -11.55 -31.19 -10.17
CA THR E 250 -10.82 -32.20 -9.41
C THR E 250 -9.34 -32.22 -9.78
N VAL E 251 -9.02 -32.11 -11.08
CA VAL E 251 -7.62 -32.13 -11.50
C VAL E 251 -6.89 -30.86 -11.06
N CYS E 252 -7.53 -29.68 -11.23
CA CYS E 252 -6.88 -28.43 -10.86
C CYS E 252 -6.70 -28.31 -9.35
N TYR E 253 -7.70 -28.71 -8.57
CA TYR E 253 -7.55 -28.64 -7.12
C TYR E 253 -6.63 -29.72 -6.59
N GLY E 254 -6.55 -30.89 -7.24
CA GLY E 254 -5.60 -31.90 -6.81
C GLY E 254 -4.17 -31.49 -7.07
N LEU E 255 -3.90 -30.92 -8.26
CA LEU E 255 -2.57 -30.39 -8.53
C LEU E 255 -2.24 -29.20 -7.64
N MET E 256 -3.25 -28.41 -7.25
CA MET E 256 -3.01 -27.30 -6.34
C MET E 256 -2.63 -27.79 -4.94
N ILE E 257 -3.31 -28.82 -4.43
CA ILE E 257 -2.97 -29.38 -3.12
C ILE E 257 -1.60 -30.07 -3.17
N LEU E 258 -1.29 -30.78 -4.26
CA LEU E 258 0.02 -31.39 -4.41
C LEU E 258 1.14 -30.34 -4.53
N ARG E 259 0.86 -29.19 -5.13
CA ARG E 259 1.87 -28.14 -5.19
C ARG E 259 2.05 -27.45 -3.84
N LEU E 260 0.95 -27.23 -3.11
CA LEU E 260 1.02 -26.60 -1.79
C LEU E 260 1.64 -27.52 -0.74
N LYS E 261 1.59 -28.84 -0.94
CA LYS E 261 2.25 -29.75 -0.02
C LYS E 261 3.77 -29.60 -0.04
N SER E 262 4.34 -29.24 -1.20
CA SER E 262 5.78 -29.04 -1.31
C SER E 262 6.24 -27.69 -0.77
N VAL E 263 5.34 -26.73 -0.62
CA VAL E 263 5.70 -25.38 -0.21
C VAL E 263 6.19 -25.38 1.24
N ARG E 264 7.33 -24.74 1.48
CA ARG E 264 7.93 -24.68 2.82
C ARG E 264 7.12 -23.79 3.76
N MET E 265 6.33 -22.86 3.22
CA MET E 265 5.53 -21.94 4.03
C MET E 265 4.37 -22.65 4.73
N LEU E 266 4.01 -23.87 4.31
CA LEU E 266 2.95 -24.64 4.94
C LEU E 266 3.39 -25.99 5.48
N SER E 267 4.41 -26.62 4.89
CA SER E 267 4.83 -27.96 5.26
C SER E 267 5.89 -28.00 6.35
N GLY E 268 5.94 -27.00 7.22
CA GLY E 268 6.95 -26.95 8.26
C GLY E 268 6.43 -27.21 9.67
N SER E 269 6.34 -26.16 10.47
CA SER E 269 5.97 -26.26 11.87
C SER E 269 4.48 -26.63 12.03
N LYS E 270 4.10 -26.89 13.29
CA LYS E 270 2.72 -27.28 13.62
C LYS E 270 1.72 -26.18 13.27
N GLU E 271 2.12 -24.91 13.42
CA GLU E 271 1.21 -23.78 13.22
C GLU E 271 0.77 -23.66 11.75
N LYS E 272 1.71 -23.82 10.81
CA LYS E 272 1.36 -23.78 9.40
C LYS E 272 0.71 -25.07 8.90
N ASP E 273 0.93 -26.19 9.62
CA ASP E 273 0.30 -27.45 9.23
C ASP E 273 -1.22 -27.39 9.37
N ARG E 274 -1.73 -26.74 10.42
CA ARG E 274 -3.18 -26.60 10.55
C ARG E 274 -3.76 -25.70 9.47
N ASN E 275 -2.99 -24.71 8.98
CA ASN E 275 -3.46 -23.90 7.86
C ASN E 275 -3.50 -24.70 6.57
N LEU E 276 -2.50 -25.58 6.37
CA LEU E 276 -2.51 -26.46 5.21
C LEU E 276 -3.68 -27.44 5.27
N ARG E 277 -3.97 -27.98 6.47
CA ARG E 277 -5.13 -28.86 6.66
C ARG E 277 -6.43 -28.11 6.42
N ARG E 278 -6.51 -26.85 6.87
CA ARG E 278 -7.68 -26.02 6.62
C ARG E 278 -7.91 -25.80 5.13
N ILE E 279 -6.84 -25.54 4.37
CA ILE E 279 -6.96 -25.34 2.92
C ILE E 279 -7.40 -26.63 2.23
N THR E 280 -6.82 -27.78 2.63
CA THR E 280 -7.20 -29.07 2.07
C THR E 280 -8.65 -29.42 2.42
N ARG E 281 -9.08 -29.06 3.63
CA ARG E 281 -10.46 -29.28 4.05
C ARG E 281 -11.43 -28.43 3.25
N MET E 282 -11.07 -27.16 3.00
CA MET E 282 -11.90 -26.28 2.19
C MET E 282 -12.05 -26.80 0.78
N VAL E 283 -10.96 -27.32 0.20
CA VAL E 283 -10.99 -27.91 -1.14
C VAL E 283 -11.89 -29.14 -1.17
N LEU E 284 -11.76 -30.01 -0.17
CA LEU E 284 -12.57 -31.23 -0.13
C LEU E 284 -14.05 -30.93 0.12
N VAL E 285 -14.36 -29.89 0.91
CA VAL E 285 -15.75 -29.50 1.14
C VAL E 285 -16.37 -28.94 -0.14
N VAL E 286 -15.62 -28.11 -0.88
CA VAL E 286 -16.15 -27.53 -2.12
C VAL E 286 -16.41 -28.62 -3.16
N VAL E 287 -15.44 -29.53 -3.34
CA VAL E 287 -15.60 -30.61 -4.34
C VAL E 287 -16.70 -31.58 -3.92
N ALA E 288 -16.79 -31.90 -2.62
CA ALA E 288 -17.80 -32.84 -2.14
C ALA E 288 -19.21 -32.26 -2.25
N VAL E 289 -19.38 -30.97 -1.93
CA VAL E 289 -20.69 -30.34 -2.05
C VAL E 289 -21.11 -30.26 -3.52
N PHE E 290 -20.17 -29.93 -4.41
CA PHE E 290 -20.50 -29.86 -5.84
C PHE E 290 -20.91 -31.22 -6.41
N ILE E 291 -20.19 -32.29 -6.01
CA ILE E 291 -20.50 -33.62 -6.52
C ILE E 291 -21.83 -34.14 -5.95
N VAL E 292 -22.00 -34.05 -4.62
CA VAL E 292 -23.19 -34.56 -3.95
C VAL E 292 -24.44 -33.79 -4.38
N CYS E 293 -24.30 -32.50 -4.68
CA CYS E 293 -25.46 -31.75 -5.15
C CYS E 293 -25.79 -32.05 -6.61
N TRP E 294 -24.81 -32.02 -7.51
CA TRP E 294 -25.16 -32.14 -8.92
C TRP E 294 -25.25 -33.58 -9.41
N THR E 295 -24.94 -34.58 -8.58
CA THR E 295 -25.07 -35.97 -9.04
C THR E 295 -26.52 -36.47 -9.18
N PRO E 296 -27.41 -36.37 -8.16
CA PRO E 296 -28.66 -37.18 -8.24
C PRO E 296 -29.65 -36.77 -9.30
N ILE E 297 -29.80 -35.47 -9.59
CA ILE E 297 -30.79 -35.06 -10.59
C ILE E 297 -30.33 -35.45 -12.00
N HIS E 298 -29.03 -35.38 -12.27
CA HIS E 298 -28.51 -35.80 -13.56
C HIS E 298 -28.56 -37.32 -13.71
N ILE E 299 -28.29 -38.05 -12.62
CA ILE E 299 -28.41 -39.51 -12.66
C ILE E 299 -29.87 -39.91 -12.87
N TYR E 300 -30.81 -39.17 -12.27
CA TYR E 300 -32.23 -39.49 -12.46
C TYR E 300 -32.71 -39.17 -13.87
N VAL E 301 -32.15 -38.13 -14.50
CA VAL E 301 -32.46 -37.84 -15.90
C VAL E 301 -31.92 -38.94 -16.81
N ILE E 302 -30.69 -39.43 -16.53
CA ILE E 302 -30.12 -40.54 -17.32
C ILE E 302 -30.94 -41.82 -17.13
N ILE E 303 -31.42 -42.08 -15.90
CA ILE E 303 -32.24 -43.26 -15.62
C ILE E 303 -33.57 -43.19 -16.37
N LYS E 304 -34.22 -42.02 -16.38
CA LYS E 304 -35.45 -41.88 -17.15
C LYS E 304 -35.21 -41.97 -18.65
N ALA E 305 -34.07 -41.46 -19.14
CA ALA E 305 -33.77 -41.54 -20.56
C ALA E 305 -33.55 -42.99 -20.99
N LEU E 306 -32.87 -43.79 -20.17
CA LEU E 306 -32.60 -45.17 -20.51
C LEU E 306 -33.86 -46.04 -20.39
N VAL E 307 -34.52 -46.00 -19.23
CA VAL E 307 -35.63 -46.89 -18.94
C VAL E 307 -36.82 -46.08 -18.43
N THR E 308 -38.02 -46.44 -18.90
CA THR E 308 -39.23 -45.81 -18.42
C THR E 308 -39.52 -46.26 -16.98
N ILE E 309 -39.79 -45.29 -16.12
CA ILE E 309 -40.00 -45.53 -14.69
C ILE E 309 -41.50 -45.62 -14.42
N PRO E 310 -41.97 -46.62 -13.68
CA PRO E 310 -43.39 -46.68 -13.31
C PRO E 310 -43.75 -45.59 -12.31
N GLU E 311 -44.95 -45.02 -12.49
CA GLU E 311 -45.43 -43.97 -11.60
C GLU E 311 -45.64 -44.50 -10.18
N THR E 312 -45.12 -43.75 -9.20
CA THR E 312 -45.19 -44.15 -7.81
C THR E 312 -45.31 -42.86 -6.99
N THR E 313 -45.82 -42.97 -5.76
CA THR E 313 -45.87 -41.83 -4.86
C THR E 313 -44.46 -41.42 -4.43
N PHE E 314 -43.56 -42.40 -4.24
CA PHE E 314 -42.21 -42.13 -3.74
C PHE E 314 -41.37 -41.37 -4.75
N GLN E 315 -41.48 -41.72 -6.04
CA GLN E 315 -40.71 -41.03 -7.07
C GLN E 315 -41.16 -39.59 -7.26
N THR E 316 -42.45 -39.31 -6.99
CA THR E 316 -42.96 -37.94 -7.07
C THR E 316 -42.30 -37.04 -6.04
N VAL E 317 -42.00 -37.59 -4.85
CA VAL E 317 -41.28 -36.82 -3.84
C VAL E 317 -39.78 -36.80 -4.16
N SER E 318 -39.29 -37.87 -4.82
CA SER E 318 -37.90 -37.92 -5.25
C SER E 318 -37.58 -36.85 -6.29
N TRP E 319 -38.56 -36.52 -7.14
CA TRP E 319 -38.43 -35.44 -8.12
C TRP E 319 -38.09 -34.11 -7.46
N HIS E 320 -38.94 -33.69 -6.51
CA HIS E 320 -38.77 -32.39 -5.88
C HIS E 320 -37.59 -32.39 -4.93
N PHE E 321 -37.27 -33.55 -4.32
CA PHE E 321 -36.08 -33.64 -3.48
C PHE E 321 -34.79 -33.49 -4.29
N CYS E 322 -34.74 -34.10 -5.48
CA CYS E 322 -33.58 -33.95 -6.35
C CYS E 322 -33.45 -32.53 -6.89
N ILE E 323 -34.57 -31.92 -7.28
CA ILE E 323 -34.54 -30.53 -7.76
C ILE E 323 -34.10 -29.59 -6.63
N ALA E 324 -34.58 -29.84 -5.41
CA ALA E 324 -34.17 -29.05 -4.25
C ALA E 324 -32.68 -29.20 -3.97
N LEU E 325 -32.16 -30.43 -4.11
CA LEU E 325 -30.73 -30.67 -3.93
C LEU E 325 -29.91 -29.93 -4.99
N GLY E 326 -30.39 -29.92 -6.24
CA GLY E 326 -29.69 -29.20 -7.30
C GLY E 326 -29.63 -27.70 -7.06
N TYR E 327 -30.76 -27.10 -6.67
CA TYR E 327 -30.76 -25.67 -6.35
C TYR E 327 -29.97 -25.34 -5.08
N THR E 328 -29.96 -26.26 -4.10
CA THR E 328 -29.20 -26.11 -2.86
C THR E 328 -27.73 -25.73 -3.09
N ASN E 329 -27.11 -26.25 -4.16
CA ASN E 329 -25.74 -25.83 -4.50
C ASN E 329 -25.70 -24.36 -4.91
N SER E 330 -26.67 -23.90 -5.70
CA SER E 330 -26.75 -22.49 -6.07
C SER E 330 -26.96 -21.61 -4.85
N CYS E 331 -27.69 -22.13 -3.85
CA CYS E 331 -27.83 -21.44 -2.59
C CYS E 331 -26.51 -21.41 -1.81
N LEU E 332 -25.78 -22.51 -1.81
CA LEU E 332 -24.68 -22.71 -0.87
C LEU E 332 -23.32 -22.25 -1.40
N ASN E 333 -23.18 -22.05 -2.72
CA ASN E 333 -21.93 -21.51 -3.26
C ASN E 333 -21.59 -20.08 -2.79
N PRO E 334 -22.53 -19.13 -2.60
CA PRO E 334 -22.13 -17.88 -1.92
C PRO E 334 -21.65 -18.09 -0.50
N VAL E 335 -22.28 -18.98 0.26
CA VAL E 335 -21.85 -19.27 1.63
C VAL E 335 -20.47 -19.91 1.65
N LEU E 336 -20.23 -20.88 0.75
CA LEU E 336 -18.95 -21.57 0.73
C LEU E 336 -17.82 -20.68 0.21
N TYR E 337 -18.10 -19.82 -0.76
CA TYR E 337 -17.03 -19.01 -1.33
C TYR E 337 -16.83 -17.67 -0.62
N ALA E 338 -17.87 -16.82 -0.57
CA ALA E 338 -17.69 -15.43 -0.18
C ALA E 338 -17.35 -15.28 1.31
N PHE E 339 -18.20 -15.82 2.18
CA PHE E 339 -18.03 -15.65 3.62
C PHE E 339 -16.78 -16.35 4.14
N LEU E 340 -16.49 -17.55 3.64
CA LEU E 340 -15.35 -18.32 4.12
C LEU E 340 -13.99 -17.73 3.74
N ASP E 341 -13.93 -16.89 2.70
CA ASP E 341 -12.68 -16.25 2.31
C ASP E 341 -12.12 -15.36 3.42
N GLU E 342 -10.79 -15.35 3.52
CA GLU E 342 -10.11 -14.62 4.61
C GLU E 342 -10.31 -13.12 4.50
N ASN E 343 -10.36 -12.58 3.27
CA ASN E 343 -10.51 -11.13 3.08
C ASN E 343 -11.86 -10.64 3.61
N PHE E 344 -12.91 -11.41 3.36
CA PHE E 344 -14.23 -11.07 3.89
C PHE E 344 -14.27 -11.14 5.41
N LYS E 345 -13.52 -12.07 6.01
CA LYS E 345 -13.37 -12.09 7.46
C LYS E 345 -12.58 -10.87 7.95
N ARG E 346 -11.60 -10.42 7.16
CA ARG E 346 -10.89 -9.18 7.48
C ARG E 346 -11.81 -7.97 7.43
N CYS E 347 -12.82 -8.01 6.55
CA CYS E 347 -13.81 -6.93 6.50
C CYS E 347 -14.58 -6.78 7.81
N PHE E 348 -14.87 -7.91 8.47
CA PHE E 348 -15.49 -7.89 9.81
C PHE E 348 -14.65 -7.13 10.84
CA ETA F . -39.10 -30.09 -19.88
N ETA F . -39.49 -29.16 -18.82
C ETA F . -38.10 -31.16 -19.37
O ETA F . -38.74 -31.88 -18.28
#